data_2LJ1
#
_entry.id   2LJ1
#
_entity_poly.entity_id   1
_entity_poly.type   'polypeptide(L)'
_entity_poly.pdbx_seq_one_letter_code
;QTSQDLFSYQALYSYIPQNDDELELRDGDIVDVMEKCDDGWFVGTSRRTKQFGTFPGNYVKPLY
;
_entity_poly.pdbx_strand_id   A
#
# COMPACT_ATOMS: atom_id res chain seq x y z
N GLN A 1 15.19 9.63 10.80
CA GLN A 1 16.08 10.77 11.12
C GLN A 1 17.13 10.96 10.02
N THR A 2 18.18 10.15 10.03
CA THR A 2 19.22 10.23 9.02
C THR A 2 19.00 9.19 7.94
N SER A 3 18.86 7.94 8.35
CA SER A 3 18.61 6.86 7.41
C SER A 3 17.29 7.06 6.70
N GLN A 4 16.23 7.15 7.49
CA GLN A 4 14.87 7.40 7.00
C GLN A 4 14.36 6.26 6.12
N ASP A 5 13.32 5.60 6.61
CA ASP A 5 12.70 4.52 5.87
C ASP A 5 11.65 5.09 4.93
N LEU A 6 10.76 4.25 4.47
CA LEU A 6 9.62 4.72 3.73
C LEU A 6 8.53 5.15 4.70
N PHE A 7 7.36 5.46 4.19
CA PHE A 7 6.28 5.97 5.04
C PHE A 7 5.02 5.14 4.86
N SER A 8 4.07 5.37 5.74
CA SER A 8 2.84 4.62 5.75
C SER A 8 1.69 5.50 5.27
N TYR A 9 0.76 4.91 4.57
CA TYR A 9 -0.37 5.66 4.03
C TYR A 9 -1.69 5.04 4.47
N GLN A 10 -2.71 5.87 4.54
CA GLN A 10 -4.06 5.42 4.89
C GLN A 10 -4.93 5.48 3.64
N ALA A 11 -5.59 4.38 3.34
CA ALA A 11 -6.30 4.23 2.08
C ALA A 11 -7.65 4.93 2.11
N LEU A 12 -7.97 5.57 1.00
CA LEU A 12 -9.18 6.36 0.87
C LEU A 12 -10.42 5.48 0.94
N TYR A 13 -10.34 4.32 0.27
CA TYR A 13 -11.44 3.37 0.27
C TYR A 13 -10.90 1.96 0.06
N SER A 14 -11.79 0.99 0.04
CA SER A 14 -11.39 -0.41 -0.09
C SER A 14 -11.15 -0.80 -1.55
N TYR A 15 -10.25 -1.75 -1.75
CA TYR A 15 -9.83 -2.17 -3.07
C TYR A 15 -9.81 -3.68 -3.16
N ILE A 16 -10.30 -4.21 -4.27
CA ILE A 16 -10.31 -5.64 -4.49
C ILE A 16 -9.26 -6.02 -5.52
N PRO A 17 -8.38 -6.99 -5.19
CA PRO A 17 -7.33 -7.44 -6.09
C PRO A 17 -7.87 -7.99 -7.40
N GLN A 18 -7.29 -7.56 -8.50
CA GLN A 18 -7.65 -8.05 -9.82
C GLN A 18 -6.57 -9.00 -10.30
N ASN A 19 -5.37 -8.74 -9.84
CA ASN A 19 -4.21 -9.55 -10.13
C ASN A 19 -3.73 -10.20 -8.84
N ASP A 20 -3.10 -11.36 -8.97
CA ASP A 20 -2.65 -12.12 -7.81
C ASP A 20 -1.43 -11.48 -7.17
N ASP A 21 -1.00 -10.37 -7.75
CA ASP A 21 0.11 -9.59 -7.20
C ASP A 21 -0.41 -8.42 -6.37
N GLU A 22 -1.69 -8.13 -6.53
CA GLU A 22 -2.30 -6.99 -5.86
C GLU A 22 -2.73 -7.33 -4.44
N LEU A 23 -3.10 -6.30 -3.70
CA LEU A 23 -3.42 -6.42 -2.30
C LEU A 23 -4.91 -6.20 -2.08
N GLU A 24 -5.51 -6.98 -1.19
CA GLU A 24 -6.87 -6.73 -0.80
C GLU A 24 -6.89 -5.57 0.18
N LEU A 25 -7.51 -4.50 -0.23
CA LEU A 25 -7.46 -3.24 0.48
C LEU A 25 -8.81 -2.94 1.12
N ARG A 26 -8.80 -2.51 2.36
CA ARG A 26 -10.03 -2.12 3.04
C ARG A 26 -10.00 -0.64 3.38
N ASP A 27 -11.16 -0.02 3.34
CA ASP A 27 -11.27 1.42 3.57
C ASP A 27 -10.57 1.84 4.86
N GLY A 28 -9.65 2.79 4.73
CA GLY A 28 -8.89 3.27 5.86
C GLY A 28 -7.82 2.29 6.33
N ASP A 29 -7.30 1.52 5.40
CA ASP A 29 -6.22 0.58 5.70
C ASP A 29 -4.89 1.28 5.54
N ILE A 30 -3.89 0.85 6.28
CA ILE A 30 -2.58 1.47 6.20
C ILE A 30 -1.67 0.60 5.34
N VAL A 31 -0.87 1.23 4.51
CA VAL A 31 0.02 0.51 3.63
C VAL A 31 1.45 1.00 3.78
N ASP A 32 2.37 0.05 3.73
CA ASP A 32 3.80 0.32 3.74
C ASP A 32 4.43 -0.34 2.53
N VAL A 33 5.15 0.44 1.74
CA VAL A 33 5.65 -0.01 0.46
C VAL A 33 6.85 -0.93 0.60
N MET A 34 6.71 -2.09 -0.03
CA MET A 34 7.75 -3.10 -0.07
C MET A 34 8.77 -2.76 -1.15
N GLU A 35 8.27 -2.22 -2.26
CA GLU A 35 9.16 -1.75 -3.33
C GLU A 35 8.43 -0.75 -4.20
N LYS A 36 9.15 0.27 -4.63
CA LYS A 36 8.58 1.31 -5.47
C LYS A 36 8.75 0.98 -6.95
N CYS A 37 7.67 1.02 -7.69
CA CYS A 37 7.72 0.87 -9.12
C CYS A 37 7.77 2.25 -9.76
N ASP A 38 8.69 2.44 -10.68
CA ASP A 38 8.96 3.74 -11.27
C ASP A 38 7.81 4.18 -12.18
N ASP A 39 6.91 3.25 -12.50
CA ASP A 39 5.75 3.57 -13.31
C ASP A 39 4.68 4.27 -12.47
N GLY A 40 4.82 4.25 -11.15
CA GLY A 40 3.95 5.04 -10.31
C GLY A 40 3.34 4.32 -9.12
N TRP A 41 3.41 3.00 -9.07
CA TRP A 41 2.78 2.28 -7.98
C TRP A 41 3.82 1.59 -7.12
N PHE A 42 3.43 1.20 -5.92
CA PHE A 42 4.35 0.54 -5.00
C PHE A 42 3.78 -0.80 -4.57
N VAL A 43 4.61 -1.62 -3.97
CA VAL A 43 4.13 -2.82 -3.32
C VAL A 43 3.84 -2.44 -1.89
N GLY A 44 2.97 -3.15 -1.23
CA GLY A 44 2.59 -2.74 0.10
C GLY A 44 2.07 -3.86 0.95
N THR A 45 2.21 -3.73 2.24
CA THR A 45 1.71 -4.73 3.15
C THR A 45 0.51 -4.19 3.94
N SER A 46 -0.58 -4.94 3.94
CA SER A 46 -1.81 -4.53 4.62
C SER A 46 -1.70 -4.76 6.12
N ARG A 47 -2.21 -3.81 6.89
CA ARG A 47 -2.20 -3.88 8.34
C ARG A 47 -3.16 -4.94 8.87
N ARG A 48 -4.00 -5.46 8.00
CA ARG A 48 -5.01 -6.42 8.39
C ARG A 48 -4.39 -7.78 8.71
N THR A 49 -4.26 -8.59 7.68
CA THR A 49 -3.77 -9.96 7.82
C THR A 49 -2.28 -10.04 7.48
N LYS A 50 -1.64 -8.87 7.44
CA LYS A 50 -0.19 -8.76 7.24
C LYS A 50 0.22 -9.35 5.90
N GLN A 51 -0.64 -9.22 4.91
CA GLN A 51 -0.34 -9.69 3.56
C GLN A 51 0.25 -8.55 2.74
N PHE A 52 1.05 -8.91 1.74
CA PHE A 52 1.73 -7.91 0.95
C PHE A 52 1.27 -7.98 -0.50
N GLY A 53 0.73 -6.87 -0.96
CA GLY A 53 0.25 -6.76 -2.32
C GLY A 53 0.66 -5.44 -2.95
N THR A 54 0.72 -5.37 -4.26
CA THR A 54 1.12 -4.15 -4.93
C THR A 54 -0.11 -3.42 -5.48
N PHE A 55 -0.07 -2.09 -5.43
CA PHE A 55 -1.14 -1.25 -5.96
C PHE A 55 -0.67 0.19 -6.06
N PRO A 56 -1.42 1.05 -6.79
CA PRO A 56 -1.05 2.47 -6.98
C PRO A 56 -0.78 3.19 -5.66
N GLY A 57 0.31 3.94 -5.62
CA GLY A 57 0.68 4.67 -4.42
C GLY A 57 0.03 6.03 -4.37
N ASN A 58 -0.59 6.41 -5.48
CA ASN A 58 -1.31 7.68 -5.55
C ASN A 58 -2.80 7.41 -5.37
N TYR A 59 -3.09 6.18 -4.95
CA TYR A 59 -4.46 5.76 -4.71
C TYR A 59 -4.72 5.81 -3.22
N VAL A 60 -3.64 5.99 -2.48
CA VAL A 60 -3.67 6.03 -1.04
C VAL A 60 -3.14 7.40 -0.59
N LYS A 61 -3.50 7.83 0.61
CA LYS A 61 -3.09 9.15 1.09
C LYS A 61 -2.29 9.01 2.38
N PRO A 62 -1.53 10.05 2.74
CA PRO A 62 -0.77 10.10 4.00
C PRO A 62 -1.67 9.81 5.19
N LEU A 63 -1.12 9.10 6.18
CA LEU A 63 -1.85 8.76 7.39
C LEU A 63 -2.56 9.96 7.99
N TYR A 64 -3.84 9.78 8.24
CA TYR A 64 -4.71 10.84 8.72
C TYR A 64 -4.30 11.27 10.12
N GLN A 1 17.56 0.93 -1.68
CA GLN A 1 17.34 2.38 -1.86
C GLN A 1 16.68 2.96 -0.60
N THR A 2 17.45 3.04 0.46
CA THR A 2 16.91 3.44 1.76
C THR A 2 17.75 4.56 2.38
N SER A 3 18.32 5.40 1.53
CA SER A 3 19.06 6.56 2.00
C SER A 3 18.09 7.62 2.54
N GLN A 4 16.82 7.43 2.19
CA GLN A 4 15.74 8.25 2.70
C GLN A 4 14.61 7.34 3.16
N ASP A 5 14.00 7.65 4.28
CA ASP A 5 12.93 6.81 4.80
C ASP A 5 11.61 7.22 4.19
N LEU A 6 10.77 6.24 3.92
CA LEU A 6 9.51 6.47 3.25
C LEU A 6 8.40 6.69 4.26
N PHE A 7 7.22 6.95 3.75
CA PHE A 7 6.07 7.29 4.59
C PHE A 7 5.02 6.20 4.51
N SER A 8 4.13 6.22 5.49
CA SER A 8 3.00 5.30 5.52
C SER A 8 1.74 6.07 5.16
N TYR A 9 0.84 5.42 4.46
CA TYR A 9 -0.39 6.08 4.02
C TYR A 9 -1.60 5.27 4.47
N GLN A 10 -2.73 5.95 4.61
CA GLN A 10 -3.98 5.29 4.97
C GLN A 10 -4.91 5.28 3.77
N ALA A 11 -5.38 4.10 3.40
CA ALA A 11 -6.18 3.94 2.21
C ALA A 11 -7.61 4.38 2.45
N LEU A 12 -8.12 5.16 1.51
CA LEU A 12 -9.41 5.84 1.66
C LEU A 12 -10.58 4.87 1.73
N TYR A 13 -10.49 3.78 0.97
CA TYR A 13 -11.58 2.83 0.89
C TYR A 13 -11.04 1.44 0.60
N SER A 14 -11.89 0.44 0.74
CA SER A 14 -11.46 -0.92 0.50
C SER A 14 -11.39 -1.19 -1.00
N TYR A 15 -10.41 -1.98 -1.40
CA TYR A 15 -10.13 -2.21 -2.81
C TYR A 15 -9.98 -3.70 -3.08
N ILE A 16 -10.68 -4.18 -4.08
CA ILE A 16 -10.57 -5.58 -4.48
C ILE A 16 -9.54 -5.71 -5.58
N PRO A 17 -8.55 -6.61 -5.40
CA PRO A 17 -7.45 -6.81 -6.33
C PRO A 17 -7.91 -7.06 -7.77
N GLN A 18 -7.25 -6.41 -8.70
CA GLN A 18 -7.50 -6.59 -10.13
C GLN A 18 -6.66 -7.75 -10.63
N ASN A 19 -5.46 -7.84 -10.07
CA ASN A 19 -4.53 -8.91 -10.40
C ASN A 19 -4.15 -9.66 -9.14
N ASP A 20 -3.68 -10.89 -9.32
CA ASP A 20 -3.28 -11.75 -8.20
C ASP A 20 -1.96 -11.28 -7.61
N ASP A 21 -1.31 -10.36 -8.30
CA ASP A 21 -0.06 -9.77 -7.84
C ASP A 21 -0.35 -8.65 -6.85
N GLU A 22 -1.59 -8.18 -6.87
CA GLU A 22 -1.97 -7.02 -6.07
C GLU A 22 -2.53 -7.44 -4.73
N LEU A 23 -2.75 -6.44 -3.88
CA LEU A 23 -3.16 -6.64 -2.51
C LEU A 23 -4.66 -6.45 -2.37
N GLU A 24 -5.29 -7.27 -1.53
CA GLU A 24 -6.66 -7.01 -1.17
C GLU A 24 -6.66 -5.88 -0.15
N LEU A 25 -7.24 -4.76 -0.54
CA LEU A 25 -7.14 -3.55 0.23
C LEU A 25 -8.43 -3.33 1.02
N ARG A 26 -8.30 -2.95 2.27
CA ARG A 26 -9.45 -2.66 3.11
C ARG A 26 -9.39 -1.21 3.58
N ASP A 27 -10.55 -0.60 3.75
CA ASP A 27 -10.61 0.82 4.08
C ASP A 27 -9.92 1.14 5.40
N GLY A 28 -9.17 2.24 5.38
CA GLY A 28 -8.41 2.68 6.54
C GLY A 28 -7.22 1.79 6.83
N ASP A 29 -6.75 1.13 5.80
CA ASP A 29 -5.57 0.28 5.92
C ASP A 29 -4.33 1.13 5.67
N ILE A 30 -3.27 0.86 6.40
CA ILE A 30 -2.05 1.64 6.26
C ILE A 30 -1.07 0.89 5.37
N VAL A 31 -0.55 1.56 4.37
CA VAL A 31 0.34 0.93 3.42
C VAL A 31 1.76 1.41 3.59
N ASP A 32 2.68 0.46 3.57
CA ASP A 32 4.10 0.73 3.59
C ASP A 32 4.72 0.13 2.36
N VAL A 33 5.42 0.96 1.59
CA VAL A 33 5.98 0.52 0.33
C VAL A 33 7.21 -0.33 0.52
N MET A 34 7.13 -1.56 0.01
CA MET A 34 8.23 -2.51 0.05
C MET A 34 9.19 -2.25 -1.09
N GLU A 35 8.64 -1.87 -2.24
CA GLU A 35 9.44 -1.54 -3.40
C GLU A 35 8.64 -0.62 -4.31
N LYS A 36 9.34 0.19 -5.08
CA LYS A 36 8.69 1.09 -6.00
C LYS A 36 8.68 0.51 -7.41
N CYS A 37 7.48 0.43 -7.97
CA CYS A 37 7.31 0.04 -9.36
C CYS A 37 7.52 1.26 -10.24
N ASP A 38 8.27 1.07 -11.33
CA ASP A 38 8.68 2.17 -12.19
C ASP A 38 7.48 2.89 -12.80
N ASP A 39 6.35 2.21 -12.85
CA ASP A 39 5.10 2.80 -13.32
C ASP A 39 4.68 3.96 -12.41
N GLY A 40 4.97 3.82 -11.12
CA GLY A 40 4.54 4.79 -10.15
C GLY A 40 3.80 4.16 -8.99
N TRP A 41 3.65 2.84 -9.04
CA TRP A 41 2.98 2.12 -7.96
C TRP A 41 4.02 1.66 -6.96
N PHE A 42 3.59 1.31 -5.76
CA PHE A 42 4.49 0.78 -4.77
C PHE A 42 3.93 -0.53 -4.23
N VAL A 43 4.79 -1.32 -3.60
CA VAL A 43 4.34 -2.55 -2.97
C VAL A 43 3.93 -2.22 -1.57
N GLY A 44 3.02 -2.96 -1.01
CA GLY A 44 2.44 -2.56 0.25
C GLY A 44 1.99 -3.73 1.08
N THR A 45 1.91 -3.52 2.38
CA THR A 45 1.44 -4.56 3.28
C THR A 45 0.15 -4.11 3.97
N SER A 46 -0.88 -4.96 3.90
CA SER A 46 -2.15 -4.67 4.53
C SER A 46 -2.09 -4.95 6.02
N ARG A 47 -2.52 -3.99 6.81
CA ARG A 47 -2.59 -4.15 8.26
C ARG A 47 -3.83 -4.91 8.66
N ARG A 48 -4.81 -4.92 7.80
CA ARG A 48 -6.09 -5.53 8.13
C ARG A 48 -6.10 -7.02 7.80
N THR A 49 -5.52 -7.40 6.67
CA THR A 49 -5.48 -8.82 6.32
C THR A 49 -4.06 -9.39 6.40
N LYS A 50 -3.12 -8.52 6.83
CA LYS A 50 -1.72 -8.91 7.05
C LYS A 50 -1.09 -9.62 5.86
N GLN A 51 -1.39 -9.14 4.66
CA GLN A 51 -0.80 -9.67 3.46
C GLN A 51 -0.01 -8.57 2.76
N PHE A 52 0.89 -8.95 1.89
CA PHE A 52 1.70 -7.98 1.19
C PHE A 52 1.42 -8.05 -0.32
N GLY A 53 0.91 -6.95 -0.84
CA GLY A 53 0.56 -6.86 -2.25
C GLY A 53 1.00 -5.53 -2.83
N THR A 54 1.18 -5.47 -4.14
CA THR A 54 1.57 -4.23 -4.78
C THR A 54 0.36 -3.57 -5.44
N PHE A 55 0.30 -2.24 -5.39
CA PHE A 55 -0.83 -1.50 -5.94
C PHE A 55 -0.48 -0.02 -6.09
N PRO A 56 -1.31 0.76 -6.81
CA PRO A 56 -1.05 2.19 -7.03
C PRO A 56 -0.84 2.97 -5.74
N GLY A 57 0.19 3.81 -5.72
CA GLY A 57 0.47 4.63 -4.56
C GLY A 57 -0.14 6.01 -4.69
N ASN A 58 -0.66 6.32 -5.87
CA ASN A 58 -1.28 7.60 -6.12
C ASN A 58 -2.78 7.50 -5.87
N TYR A 59 -3.14 6.55 -5.02
CA TYR A 59 -4.54 6.23 -4.74
C TYR A 59 -4.81 6.35 -3.24
N VAL A 60 -3.75 6.50 -2.48
CA VAL A 60 -3.81 6.46 -1.04
C VAL A 60 -3.35 7.80 -0.47
N LYS A 61 -3.77 8.13 0.75
CA LYS A 61 -3.46 9.42 1.34
C LYS A 61 -2.60 9.27 2.58
N PRO A 62 -1.81 10.31 2.88
CA PRO A 62 -0.95 10.37 4.07
C PRO A 62 -1.74 10.17 5.36
N LEU A 63 -1.08 9.56 6.34
CA LEU A 63 -1.70 9.31 7.64
C LEU A 63 -2.14 10.60 8.31
N TYR A 64 -3.42 10.62 8.70
CA TYR A 64 -4.07 11.78 9.31
C TYR A 64 -3.73 13.08 8.60
N GLN A 1 21.64 -1.35 7.12
CA GLN A 1 21.56 -1.05 5.67
C GLN A 1 20.73 0.20 5.43
N THR A 2 21.22 1.10 4.60
CA THR A 2 20.50 2.32 4.28
C THR A 2 19.57 2.11 3.09
N SER A 3 18.60 1.23 3.26
CA SER A 3 17.59 1.00 2.25
C SER A 3 16.54 2.10 2.29
N GLN A 4 16.10 2.41 3.51
CA GLN A 4 15.15 3.47 3.79
C GLN A 4 13.88 3.36 2.95
N ASP A 5 12.87 2.73 3.52
CA ASP A 5 11.56 2.67 2.90
C ASP A 5 10.88 4.02 2.93
N LEU A 6 9.77 4.14 2.21
CA LEU A 6 9.08 5.41 2.09
C LEU A 6 8.15 5.66 3.28
N PHE A 7 7.07 6.39 3.04
CA PHE A 7 6.16 6.76 4.09
C PHE A 7 4.92 5.87 4.08
N SER A 8 4.21 5.87 5.18
CA SER A 8 2.97 5.11 5.29
C SER A 8 1.80 5.99 4.88
N TYR A 9 0.81 5.40 4.24
CA TYR A 9 -0.38 6.13 3.84
C TYR A 9 -1.62 5.41 4.34
N GLN A 10 -2.69 6.16 4.52
CA GLN A 10 -3.97 5.59 4.93
C GLN A 10 -4.92 5.66 3.75
N ALA A 11 -5.52 4.53 3.41
CA ALA A 11 -6.29 4.40 2.19
C ALA A 11 -7.69 4.98 2.35
N LEU A 12 -8.11 5.68 1.30
CA LEU A 12 -9.40 6.37 1.29
C LEU A 12 -10.54 5.38 1.16
N TYR A 13 -10.30 4.34 0.39
CA TYR A 13 -11.32 3.36 0.07
C TYR A 13 -10.72 1.97 0.10
N SER A 14 -11.56 0.97 -0.03
CA SER A 14 -11.12 -0.41 -0.06
C SER A 14 -10.86 -0.89 -1.49
N TYR A 15 -9.72 -1.55 -1.68
CA TYR A 15 -9.31 -2.04 -3.00
C TYR A 15 -9.42 -3.57 -3.01
N ILE A 16 -10.07 -4.11 -4.01
CA ILE A 16 -10.20 -5.55 -4.14
C ILE A 16 -9.25 -6.06 -5.21
N PRO A 17 -8.40 -7.04 -4.85
CA PRO A 17 -7.38 -7.57 -5.75
C PRO A 17 -7.95 -8.12 -7.06
N GLN A 18 -7.33 -7.73 -8.17
CA GLN A 18 -7.66 -8.30 -9.47
C GLN A 18 -6.75 -9.49 -9.72
N ASN A 19 -5.49 -9.27 -9.36
CA ASN A 19 -4.46 -10.29 -9.45
C ASN A 19 -4.01 -10.65 -8.05
N ASP A 20 -3.41 -11.82 -7.89
CA ASP A 20 -2.97 -12.28 -6.58
C ASP A 20 -1.72 -11.50 -6.15
N ASP A 21 -1.11 -10.84 -7.13
CA ASP A 21 0.02 -9.95 -6.88
C ASP A 21 -0.46 -8.69 -6.17
N GLU A 22 -1.73 -8.38 -6.36
CA GLU A 22 -2.33 -7.21 -5.74
C GLU A 22 -2.79 -7.55 -4.33
N LEU A 23 -2.94 -6.51 -3.53
CA LEU A 23 -3.27 -6.66 -2.14
C LEU A 23 -4.73 -6.39 -1.90
N GLU A 24 -5.32 -7.09 -0.94
CA GLU A 24 -6.66 -6.75 -0.52
C GLU A 24 -6.55 -5.54 0.40
N LEU A 25 -7.10 -4.44 -0.05
CA LEU A 25 -6.96 -3.18 0.63
C LEU A 25 -8.31 -2.78 1.20
N ARG A 26 -8.34 -2.34 2.43
CA ARG A 26 -9.59 -1.94 3.04
C ARG A 26 -9.60 -0.45 3.29
N ASP A 27 -10.78 0.11 3.40
CA ASP A 27 -10.92 1.53 3.69
C ASP A 27 -10.23 1.87 5.00
N GLY A 28 -9.45 2.94 4.97
CA GLY A 28 -8.66 3.36 6.12
C GLY A 28 -7.58 2.37 6.51
N ASP A 29 -7.05 1.65 5.53
CA ASP A 29 -5.95 0.73 5.76
C ASP A 29 -4.64 1.45 5.50
N ILE A 30 -3.58 1.07 6.18
CA ILE A 30 -2.30 1.75 6.06
C ILE A 30 -1.39 0.96 5.13
N VAL A 31 -0.74 1.66 4.21
CA VAL A 31 0.17 1.01 3.29
C VAL A 31 1.62 1.38 3.57
N ASP A 32 2.43 0.36 3.69
CA ASP A 32 3.87 0.51 3.78
C ASP A 32 4.49 -0.14 2.56
N VAL A 33 5.21 0.64 1.78
CA VAL A 33 5.73 0.17 0.51
C VAL A 33 6.94 -0.75 0.68
N MET A 34 6.78 -1.95 0.13
CA MET A 34 7.78 -2.99 0.15
C MET A 34 8.79 -2.75 -0.96
N GLU A 35 8.28 -2.38 -2.12
CA GLU A 35 9.12 -2.10 -3.27
C GLU A 35 8.53 -0.96 -4.08
N LYS A 36 9.41 -0.16 -4.65
CA LYS A 36 8.99 1.08 -5.30
C LYS A 36 9.04 0.96 -6.83
N CYS A 37 7.94 1.30 -7.48
CA CYS A 37 7.95 1.49 -8.92
C CYS A 37 8.32 2.93 -9.22
N ASP A 38 9.11 3.12 -10.26
CA ASP A 38 9.61 4.44 -10.62
C ASP A 38 8.49 5.33 -11.14
N ASP A 39 7.30 4.76 -11.31
CA ASP A 39 6.15 5.52 -11.80
C ASP A 39 4.85 4.76 -11.57
N GLY A 40 4.18 5.03 -10.47
CA GLY A 40 2.80 4.60 -10.32
C GLY A 40 2.53 3.80 -9.05
N TRP A 41 3.01 2.57 -9.02
CA TRP A 41 2.63 1.65 -7.96
C TRP A 41 3.76 1.48 -6.96
N PHE A 42 3.39 1.17 -5.72
CA PHE A 42 4.34 0.63 -4.77
C PHE A 42 3.79 -0.69 -4.28
N VAL A 43 4.62 -1.51 -3.67
CA VAL A 43 4.13 -2.72 -3.07
C VAL A 43 3.77 -2.42 -1.64
N GLY A 44 2.84 -3.14 -1.09
CA GLY A 44 2.32 -2.77 0.22
C GLY A 44 1.96 -3.96 1.06
N THR A 45 1.97 -3.76 2.36
CA THR A 45 1.56 -4.80 3.27
C THR A 45 0.27 -4.38 3.98
N SER A 46 -0.74 -5.24 3.95
CA SER A 46 -2.02 -4.92 4.56
C SER A 46 -1.96 -5.13 6.07
N ARG A 47 -2.50 -4.18 6.81
CA ARG A 47 -2.49 -4.25 8.26
C ARG A 47 -3.54 -5.24 8.77
N ARG A 48 -4.38 -5.72 7.87
CA ARG A 48 -5.38 -6.72 8.23
C ARG A 48 -4.78 -8.12 8.20
N THR A 49 -4.68 -8.68 7.01
CA THR A 49 -4.27 -10.07 6.84
C THR A 49 -2.74 -10.20 6.88
N LYS A 50 -2.06 -9.07 6.99
CA LYS A 50 -0.60 -9.03 7.08
C LYS A 50 0.07 -9.64 5.85
N GLN A 51 -0.62 -9.55 4.71
CA GLN A 51 -0.09 -10.04 3.44
C GLN A 51 0.54 -8.92 2.65
N PHE A 52 1.31 -9.29 1.63
CA PHE A 52 2.08 -8.33 0.87
C PHE A 52 1.58 -8.27 -0.56
N GLY A 53 0.94 -7.17 -0.91
CA GLY A 53 0.41 -7.00 -2.24
C GLY A 53 0.73 -5.64 -2.81
N THR A 54 0.75 -5.52 -4.12
CA THR A 54 1.07 -4.26 -4.76
C THR A 54 -0.20 -3.56 -5.26
N PHE A 55 -0.21 -2.23 -5.18
CA PHE A 55 -1.31 -1.43 -5.70
C PHE A 55 -0.85 0.01 -5.88
N PRO A 56 -1.59 0.81 -6.68
CA PRO A 56 -1.23 2.20 -6.98
C PRO A 56 -1.02 3.05 -5.72
N GLY A 57 0.06 3.82 -5.72
CA GLY A 57 0.35 4.67 -4.57
C GLY A 57 -0.28 6.04 -4.71
N ASN A 58 -1.10 6.22 -5.73
CA ASN A 58 -1.80 7.48 -5.96
C ASN A 58 -3.29 7.27 -5.77
N TYR A 59 -3.61 6.27 -4.96
CA TYR A 59 -4.98 5.93 -4.65
C TYR A 59 -5.17 6.05 -3.14
N VAL A 60 -4.09 6.40 -2.48
CA VAL A 60 -4.03 6.44 -1.03
C VAL A 60 -3.59 7.85 -0.58
N LYS A 61 -3.89 8.20 0.67
CA LYS A 61 -3.58 9.53 1.19
C LYS A 61 -2.71 9.43 2.44
N PRO A 62 -2.05 10.53 2.83
CA PRO A 62 -1.24 10.59 4.06
C PRO A 62 -2.03 10.17 5.29
N LEU A 63 -1.33 9.53 6.22
CA LEU A 63 -1.93 9.03 7.47
C LEU A 63 -2.69 10.11 8.22
N TYR A 64 -3.82 9.72 8.79
CA TYR A 64 -4.68 10.60 9.56
C TYR A 64 -3.93 11.21 10.74
N GLN A 1 19.48 6.82 11.85
CA GLN A 1 18.81 6.82 10.53
C GLN A 1 19.79 6.46 9.44
N THR A 2 19.74 5.21 9.01
CA THR A 2 20.64 4.70 7.98
C THR A 2 20.47 5.46 6.68
N SER A 3 19.23 5.80 6.35
CA SER A 3 18.91 6.54 5.14
C SER A 3 17.59 7.28 5.33
N GLN A 4 17.12 7.95 4.29
CA GLN A 4 15.85 8.64 4.36
C GLN A 4 14.72 7.64 4.19
N ASP A 5 14.05 7.34 5.30
CA ASP A 5 12.98 6.35 5.29
C ASP A 5 11.71 6.94 4.71
N LEU A 6 10.86 6.06 4.21
CA LEU A 6 9.63 6.46 3.55
C LEU A 6 8.50 6.62 4.56
N PHE A 7 7.29 6.71 4.05
CA PHE A 7 6.13 6.95 4.90
C PHE A 7 5.10 5.85 4.72
N SER A 8 4.14 5.81 5.62
CA SER A 8 3.01 4.90 5.53
C SER A 8 1.79 5.69 5.10
N TYR A 9 0.92 5.07 4.32
CA TYR A 9 -0.27 5.76 3.84
C TYR A 9 -1.52 5.04 4.30
N GLN A 10 -2.60 5.77 4.49
CA GLN A 10 -3.88 5.20 4.90
C GLN A 10 -4.84 5.28 3.72
N ALA A 11 -5.46 4.16 3.38
CA ALA A 11 -6.27 4.07 2.18
C ALA A 11 -7.65 4.67 2.38
N LEU A 12 -8.09 5.37 1.34
CA LEU A 12 -9.35 6.11 1.37
C LEU A 12 -10.53 5.16 1.53
N TYR A 13 -10.52 4.08 0.76
CA TYR A 13 -11.57 3.08 0.80
C TYR A 13 -11.02 1.73 0.40
N SER A 14 -11.86 0.72 0.41
CA SER A 14 -11.43 -0.65 0.15
C SER A 14 -11.21 -0.90 -1.35
N TYR A 15 -10.16 -1.65 -1.67
CA TYR A 15 -9.78 -1.96 -3.04
C TYR A 15 -9.61 -3.47 -3.19
N ILE A 16 -10.07 -3.98 -4.32
CA ILE A 16 -10.03 -5.42 -4.57
C ILE A 16 -8.94 -5.72 -5.60
N PRO A 17 -8.09 -6.71 -5.31
CA PRO A 17 -6.99 -7.11 -6.20
C PRO A 17 -7.47 -7.50 -7.59
N GLN A 18 -6.79 -6.97 -8.60
CA GLN A 18 -7.03 -7.37 -9.98
C GLN A 18 -6.20 -8.60 -10.28
N ASN A 19 -5.00 -8.62 -9.69
CA ASN A 19 -4.05 -9.69 -9.88
C ASN A 19 -3.62 -10.25 -8.53
N ASP A 20 -3.02 -11.43 -8.54
CA ASP A 20 -2.63 -12.10 -7.30
C ASP A 20 -1.33 -11.55 -6.75
N ASP A 21 -0.70 -10.65 -7.51
CA ASP A 21 0.46 -9.92 -7.01
C ASP A 21 0.00 -8.68 -6.28
N GLU A 22 -1.27 -8.34 -6.46
CA GLU A 22 -1.86 -7.17 -5.82
C GLU A 22 -2.34 -7.49 -4.42
N LEU A 23 -2.74 -6.47 -3.70
CA LEU A 23 -3.11 -6.59 -2.31
C LEU A 23 -4.60 -6.36 -2.15
N GLU A 24 -5.25 -7.17 -1.31
CA GLU A 24 -6.62 -6.88 -0.95
C GLU A 24 -6.60 -5.76 0.07
N LEU A 25 -7.18 -4.65 -0.31
CA LEU A 25 -7.03 -3.42 0.42
C LEU A 25 -8.38 -3.03 1.03
N ARG A 26 -8.35 -2.63 2.29
CA ARG A 26 -9.57 -2.24 2.97
C ARG A 26 -9.53 -0.78 3.36
N ASP A 27 -10.71 -0.21 3.59
CA ASP A 27 -10.82 1.20 3.97
C ASP A 27 -10.04 1.50 5.25
N GLY A 28 -9.33 2.62 5.21
CA GLY A 28 -8.54 3.07 6.35
C GLY A 28 -7.42 2.12 6.72
N ASP A 29 -6.97 1.35 5.73
CA ASP A 29 -5.85 0.43 5.93
C ASP A 29 -4.55 1.13 5.62
N ILE A 30 -3.47 0.74 6.27
CA ILE A 30 -2.20 1.40 6.10
C ILE A 30 -1.34 0.60 5.14
N VAL A 31 -0.61 1.28 4.27
CA VAL A 31 0.28 0.61 3.37
C VAL A 31 1.72 1.07 3.58
N ASP A 32 2.60 0.09 3.69
CA ASP A 32 4.03 0.33 3.76
C ASP A 32 4.68 -0.26 2.53
N VAL A 33 5.37 0.57 1.78
CA VAL A 33 5.91 0.16 0.49
C VAL A 33 7.14 -0.72 0.62
N MET A 34 7.00 -1.91 0.05
CA MET A 34 8.07 -2.90 0.04
C MET A 34 9.04 -2.58 -1.08
N GLU A 35 8.50 -2.14 -2.22
CA GLU A 35 9.32 -1.72 -3.34
C GLU A 35 8.59 -0.69 -4.17
N LYS A 36 9.39 0.11 -4.85
CA LYS A 36 8.89 1.29 -5.56
C LYS A 36 8.85 1.08 -7.07
N CYS A 37 7.73 1.44 -7.68
CA CYS A 37 7.65 1.53 -9.13
C CYS A 37 7.59 3.00 -9.53
N ASP A 38 8.37 3.36 -10.55
CA ASP A 38 8.54 4.76 -10.96
C ASP A 38 7.22 5.37 -11.45
N ASP A 39 6.28 4.51 -11.81
CA ASP A 39 4.95 4.96 -12.27
C ASP A 39 4.16 5.57 -11.12
N GLY A 40 4.59 5.33 -9.90
CA GLY A 40 3.85 5.80 -8.75
C GLY A 40 3.11 4.67 -8.08
N TRP A 41 3.50 3.46 -8.39
CA TRP A 41 2.92 2.26 -7.78
C TRP A 41 3.93 1.68 -6.82
N PHE A 42 3.49 1.26 -5.65
CA PHE A 42 4.41 0.64 -4.71
C PHE A 42 3.88 -0.73 -4.30
N VAL A 43 4.75 -1.53 -3.72
CA VAL A 43 4.33 -2.77 -3.09
C VAL A 43 4.01 -2.44 -1.66
N GLY A 44 3.19 -3.22 -1.02
CA GLY A 44 2.74 -2.85 0.30
C GLY A 44 2.27 -4.00 1.13
N THR A 45 2.34 -3.86 2.44
CA THR A 45 1.79 -4.86 3.33
C THR A 45 0.57 -4.28 4.03
N SER A 46 -0.53 -5.01 4.01
CA SER A 46 -1.77 -4.57 4.61
C SER A 46 -1.73 -4.77 6.12
N ARG A 47 -2.13 -3.73 6.84
CA ARG A 47 -2.16 -3.77 8.29
C ARG A 47 -3.37 -4.53 8.79
N ARG A 48 -4.35 -4.68 7.91
CA ARG A 48 -5.56 -5.41 8.23
C ARG A 48 -5.39 -6.90 7.92
N THR A 49 -5.23 -7.23 6.65
CA THR A 49 -5.27 -8.62 6.21
C THR A 49 -3.89 -9.29 6.37
N LYS A 50 -2.91 -8.49 6.78
CA LYS A 50 -1.55 -8.97 7.07
C LYS A 50 -0.92 -9.67 5.87
N GLN A 51 -1.30 -9.22 4.68
CA GLN A 51 -0.77 -9.75 3.44
C GLN A 51 0.08 -8.70 2.76
N PHE A 52 0.94 -9.11 1.85
CA PHE A 52 1.78 -8.17 1.15
C PHE A 52 1.46 -8.18 -0.34
N GLY A 53 0.95 -7.06 -0.82
CA GLY A 53 0.53 -6.92 -2.19
C GLY A 53 0.95 -5.59 -2.78
N THR A 54 1.05 -5.51 -4.09
CA THR A 54 1.37 -4.24 -4.75
C THR A 54 0.11 -3.60 -5.30
N PHE A 55 0.05 -2.27 -5.29
CA PHE A 55 -1.08 -1.53 -5.85
C PHE A 55 -0.69 -0.07 -6.06
N PRO A 56 -1.51 0.69 -6.81
CA PRO A 56 -1.22 2.11 -7.10
C PRO A 56 -1.05 2.94 -5.83
N GLY A 57 0.00 3.75 -5.80
CA GLY A 57 0.23 4.63 -4.68
C GLY A 57 -0.52 5.94 -4.83
N ASN A 58 -1.13 6.14 -6.00
CA ASN A 58 -1.88 7.36 -6.29
C ASN A 58 -3.34 7.14 -5.97
N TYR A 59 -3.60 6.21 -5.05
CA TYR A 59 -4.95 5.85 -4.67
C TYR A 59 -5.06 5.90 -3.15
N VAL A 60 -3.93 6.14 -2.51
CA VAL A 60 -3.86 6.13 -1.06
C VAL A 60 -3.38 7.51 -0.59
N LYS A 61 -3.66 7.87 0.66
CA LYS A 61 -3.28 9.19 1.17
C LYS A 61 -2.43 9.06 2.42
N PRO A 62 -1.66 10.10 2.75
CA PRO A 62 -0.86 10.16 3.98
C PRO A 62 -1.69 9.86 5.23
N LEU A 63 -1.07 9.17 6.18
CA LEU A 63 -1.71 8.77 7.43
C LEU A 63 -2.35 9.93 8.16
N TYR A 64 -3.52 9.66 8.75
CA TYR A 64 -4.22 10.59 9.60
C TYR A 64 -4.44 11.94 8.92
N GLN A 1 19.06 0.75 13.20
CA GLN A 1 19.71 -0.11 12.18
C GLN A 1 19.63 0.56 10.82
N THR A 2 18.46 0.46 10.19
CA THR A 2 18.23 1.10 8.92
C THR A 2 17.74 2.54 9.15
N SER A 3 18.68 3.47 9.13
CA SER A 3 18.39 4.88 9.39
C SER A 3 17.43 5.44 8.34
N GLN A 4 16.49 6.25 8.81
CA GLN A 4 15.40 6.77 8.00
C GLN A 4 14.49 5.66 7.55
N ASP A 5 13.37 5.55 8.23
CA ASP A 5 12.44 4.45 8.02
C ASP A 5 11.55 4.77 6.82
N LEU A 6 10.64 3.86 6.51
CA LEU A 6 9.74 4.06 5.38
C LEU A 6 8.63 5.03 5.73
N PHE A 7 7.60 5.04 4.92
CA PHE A 7 6.46 5.91 5.14
C PHE A 7 5.18 5.14 4.94
N SER A 8 4.20 5.45 5.76
CA SER A 8 2.94 4.72 5.77
C SER A 8 1.81 5.62 5.30
N TYR A 9 0.85 5.03 4.62
CA TYR A 9 -0.28 5.77 4.09
C TYR A 9 -1.58 5.09 4.52
N GLN A 10 -2.65 5.86 4.61
CA GLN A 10 -3.97 5.34 4.92
C GLN A 10 -4.85 5.42 3.68
N ALA A 11 -5.49 4.31 3.36
CA ALA A 11 -6.17 4.18 2.07
C ALA A 11 -7.53 4.84 2.07
N LEU A 12 -7.83 5.49 0.96
CA LEU A 12 -9.08 6.25 0.79
C LEU A 12 -10.27 5.32 0.60
N TYR A 13 -10.01 4.20 -0.06
CA TYR A 13 -11.05 3.23 -0.38
C TYR A 13 -10.51 1.84 -0.16
N SER A 14 -11.40 0.85 -0.18
CA SER A 14 -11.00 -0.53 -0.10
C SER A 14 -10.70 -1.10 -1.49
N TYR A 15 -9.59 -1.81 -1.61
CA TYR A 15 -9.13 -2.35 -2.89
C TYR A 15 -9.29 -3.87 -2.89
N ILE A 16 -9.84 -4.41 -3.95
CA ILE A 16 -9.94 -5.85 -4.10
C ILE A 16 -8.95 -6.33 -5.15
N PRO A 17 -8.12 -7.33 -4.80
CA PRO A 17 -7.07 -7.84 -5.69
C PRO A 17 -7.60 -8.27 -7.05
N GLN A 18 -6.92 -7.84 -8.09
CA GLN A 18 -7.24 -8.21 -9.46
C GLN A 18 -6.19 -9.20 -9.95
N ASN A 19 -4.98 -9.01 -9.46
CA ASN A 19 -3.87 -9.91 -9.72
C ASN A 19 -3.45 -10.58 -8.42
N ASP A 20 -2.73 -11.70 -8.54
CA ASP A 20 -2.37 -12.52 -7.39
C ASP A 20 -1.30 -11.86 -6.53
N ASP A 21 -0.62 -10.88 -7.11
CA ASP A 21 0.42 -10.16 -6.38
C ASP A 21 -0.08 -8.81 -5.89
N GLU A 22 -1.36 -8.55 -6.11
CA GLU A 22 -2.00 -7.36 -5.55
C GLU A 22 -2.52 -7.64 -4.15
N LEU A 23 -2.95 -6.59 -3.48
CA LEU A 23 -3.29 -6.66 -2.07
C LEU A 23 -4.78 -6.50 -1.84
N GLU A 24 -5.33 -7.27 -0.91
CA GLU A 24 -6.69 -7.03 -0.47
C GLU A 24 -6.65 -5.89 0.54
N LEU A 25 -7.25 -4.79 0.19
CA LEU A 25 -7.05 -3.53 0.88
C LEU A 25 -8.36 -3.02 1.44
N ARG A 26 -8.36 -2.57 2.68
CA ARG A 26 -9.56 -2.04 3.30
C ARG A 26 -9.53 -0.52 3.27
N ASP A 27 -10.70 0.11 3.30
CA ASP A 27 -10.76 1.55 3.42
C ASP A 27 -10.17 1.97 4.75
N GLY A 28 -9.42 3.04 4.73
CA GLY A 28 -8.75 3.52 5.93
C GLY A 28 -7.72 2.54 6.47
N ASP A 29 -7.15 1.74 5.57
CA ASP A 29 -6.12 0.77 5.95
C ASP A 29 -4.74 1.38 5.71
N ILE A 30 -3.74 0.96 6.48
CA ILE A 30 -2.43 1.55 6.39
C ILE A 30 -1.52 0.68 5.52
N VAL A 31 -0.81 1.30 4.60
CA VAL A 31 0.07 0.59 3.70
C VAL A 31 1.51 1.12 3.78
N ASP A 32 2.46 0.23 3.59
CA ASP A 32 3.87 0.56 3.54
C ASP A 32 4.47 -0.02 2.27
N VAL A 33 5.21 0.79 1.53
CA VAL A 33 5.76 0.37 0.26
C VAL A 33 6.98 -0.54 0.43
N MET A 34 6.85 -1.74 -0.12
CA MET A 34 7.90 -2.74 -0.08
C MET A 34 8.83 -2.56 -1.27
N GLU A 35 8.27 -2.20 -2.41
CA GLU A 35 9.06 -1.96 -3.60
C GLU A 35 8.42 -0.86 -4.43
N LYS A 36 9.26 -0.06 -5.07
CA LYS A 36 8.80 1.12 -5.78
C LYS A 36 8.84 0.92 -7.30
N CYS A 37 7.75 1.29 -7.97
CA CYS A 37 7.76 1.34 -9.43
C CYS A 37 8.28 2.68 -9.89
N ASP A 38 8.93 2.65 -11.05
CA ASP A 38 9.51 3.85 -11.64
C ASP A 38 8.41 4.84 -12.04
N ASP A 39 7.21 4.30 -12.26
CA ASP A 39 6.05 5.12 -12.61
C ASP A 39 4.79 4.27 -12.65
N GLY A 40 4.25 3.99 -11.49
CA GLY A 40 3.01 3.25 -11.42
C GLY A 40 2.51 3.08 -10.00
N TRP A 41 2.96 2.03 -9.34
CA TRP A 41 2.49 1.70 -8.01
C TRP A 41 3.64 1.37 -7.08
N PHE A 42 3.33 1.20 -5.80
CA PHE A 42 4.29 0.66 -4.86
C PHE A 42 3.73 -0.65 -4.33
N VAL A 43 4.57 -1.46 -3.71
CA VAL A 43 4.08 -2.67 -3.08
C VAL A 43 3.72 -2.33 -1.66
N GLY A 44 2.84 -3.09 -1.06
CA GLY A 44 2.29 -2.68 0.21
C GLY A 44 1.91 -3.83 1.10
N THR A 45 1.86 -3.57 2.39
CA THR A 45 1.43 -4.58 3.34
C THR A 45 0.17 -4.10 4.06
N SER A 46 -0.88 -4.93 4.05
CA SER A 46 -2.15 -4.57 4.66
C SER A 46 -2.19 -4.94 6.14
N ARG A 47 -2.77 -4.06 6.94
CA ARG A 47 -2.95 -4.29 8.37
C ARG A 47 -3.99 -5.36 8.66
N ARG A 48 -4.71 -5.79 7.64
CA ARG A 48 -5.81 -6.72 7.82
C ARG A 48 -5.30 -8.12 8.14
N THR A 49 -4.58 -8.71 7.19
CA THR A 49 -4.08 -10.06 7.34
C THR A 49 -2.56 -10.07 7.19
N LYS A 50 -1.97 -8.88 7.24
CA LYS A 50 -0.52 -8.69 7.14
C LYS A 50 0.08 -9.39 5.92
N GLN A 51 -0.63 -9.37 4.81
CA GLN A 51 -0.11 -9.91 3.56
C GLN A 51 0.50 -8.79 2.73
N PHE A 52 1.25 -9.16 1.72
CA PHE A 52 2.04 -8.20 0.96
C PHE A 52 1.54 -8.12 -0.47
N GLY A 53 0.88 -7.03 -0.80
CA GLY A 53 0.33 -6.85 -2.12
C GLY A 53 0.63 -5.49 -2.68
N THR A 54 0.68 -5.37 -3.99
CA THR A 54 1.02 -4.11 -4.62
C THR A 54 -0.23 -3.40 -5.13
N PHE A 55 -0.21 -2.06 -5.08
CA PHE A 55 -1.30 -1.25 -5.63
C PHE A 55 -0.85 0.20 -5.77
N PRO A 56 -1.58 1.00 -6.58
CA PRO A 56 -1.21 2.39 -6.88
C PRO A 56 -0.94 3.23 -5.62
N GLY A 57 0.15 3.99 -5.66
CA GLY A 57 0.53 4.82 -4.53
C GLY A 57 -0.14 6.17 -4.55
N ASN A 58 -0.80 6.49 -5.66
CA ASN A 58 -1.55 7.74 -5.77
C ASN A 58 -3.03 7.46 -5.51
N TYR A 59 -3.28 6.36 -4.84
CA TYR A 59 -4.63 5.92 -4.52
C TYR A 59 -4.81 5.94 -3.01
N VAL A 60 -3.70 6.20 -2.34
CA VAL A 60 -3.66 6.20 -0.89
C VAL A 60 -3.19 7.56 -0.39
N LYS A 61 -3.53 7.92 0.85
CA LYS A 61 -3.21 9.26 1.36
C LYS A 61 -2.44 9.17 2.66
N PRO A 62 -1.80 10.29 3.08
CA PRO A 62 -1.02 10.35 4.32
C PRO A 62 -1.85 10.01 5.55
N LEU A 63 -1.21 9.30 6.48
CA LEU A 63 -1.85 8.90 7.74
C LEU A 63 -2.41 10.07 8.51
N TYR A 64 -3.45 9.80 9.29
CA TYR A 64 -4.05 10.79 10.16
C TYR A 64 -3.44 10.71 11.55
N GLN A 1 15.40 3.54 9.91
CA GLN A 1 15.60 4.27 11.17
C GLN A 1 14.48 5.27 11.42
N THR A 2 14.62 6.46 10.85
CA THR A 2 13.67 7.53 11.10
C THR A 2 12.58 7.59 10.02
N SER A 3 12.93 7.18 8.81
CA SER A 3 11.98 7.22 7.70
C SER A 3 11.63 5.82 7.22
N GLN A 4 12.65 5.06 6.86
CA GLN A 4 12.49 3.73 6.30
C GLN A 4 11.69 3.78 5.01
N ASP A 5 12.39 3.97 3.89
CA ASP A 5 11.77 4.10 2.58
C ASP A 5 10.84 5.30 2.60
N LEU A 6 9.78 5.22 1.82
CA LEU A 6 8.76 6.25 1.79
C LEU A 6 7.93 6.25 3.08
N PHE A 7 6.82 6.96 3.06
CA PHE A 7 5.99 7.11 4.24
C PHE A 7 4.79 6.20 4.16
N SER A 8 4.06 6.12 5.26
CA SER A 8 2.89 5.29 5.34
C SER A 8 1.64 6.13 5.06
N TYR A 9 0.69 5.55 4.37
CA TYR A 9 -0.51 6.26 3.97
C TYR A 9 -1.74 5.48 4.42
N GLN A 10 -2.86 6.18 4.59
CA GLN A 10 -4.12 5.54 4.96
C GLN A 10 -5.07 5.64 3.78
N ALA A 11 -5.69 4.52 3.46
CA ALA A 11 -6.50 4.41 2.26
C ALA A 11 -7.87 5.03 2.46
N LEU A 12 -8.31 5.73 1.43
CA LEU A 12 -9.56 6.48 1.45
C LEU A 12 -10.74 5.54 1.35
N TYR A 13 -10.55 4.45 0.61
CA TYR A 13 -11.61 3.49 0.37
C TYR A 13 -11.04 2.08 0.41
N SER A 14 -11.91 1.11 0.24
CA SER A 14 -11.49 -0.27 0.05
C SER A 14 -11.20 -0.52 -1.42
N TYR A 15 -10.10 -1.18 -1.68
CA TYR A 15 -9.64 -1.44 -3.03
C TYR A 15 -9.46 -2.93 -3.25
N ILE A 16 -9.99 -3.41 -4.35
CA ILE A 16 -9.97 -4.83 -4.65
C ILE A 16 -8.92 -5.11 -5.71
N PRO A 17 -8.07 -6.13 -5.47
CA PRO A 17 -6.98 -6.48 -6.37
C PRO A 17 -7.44 -6.76 -7.79
N GLN A 18 -6.75 -6.15 -8.74
CA GLN A 18 -7.02 -6.35 -10.15
C GLN A 18 -6.18 -7.51 -10.65
N ASN A 19 -4.96 -7.57 -10.14
CA ASN A 19 -4.01 -8.61 -10.50
C ASN A 19 -3.70 -9.48 -9.30
N ASP A 20 -3.07 -10.63 -9.55
CA ASP A 20 -2.74 -11.58 -8.49
C ASP A 20 -1.60 -11.04 -7.62
N ASP A 21 -0.87 -10.07 -8.15
CA ASP A 21 0.24 -9.46 -7.43
C ASP A 21 -0.25 -8.36 -6.49
N GLU A 22 -1.50 -7.96 -6.65
CA GLU A 22 -2.04 -6.86 -5.90
C GLU A 22 -2.56 -7.29 -4.53
N LEU A 23 -2.80 -6.29 -3.69
CA LEU A 23 -3.19 -6.51 -2.30
C LEU A 23 -4.66 -6.19 -2.11
N GLU A 24 -5.35 -6.97 -1.28
CA GLU A 24 -6.71 -6.64 -0.96
C GLU A 24 -6.72 -5.53 0.08
N LEU A 25 -7.27 -4.40 -0.31
CA LEU A 25 -7.17 -3.18 0.45
C LEU A 25 -8.55 -2.79 0.97
N ARG A 26 -8.62 -2.39 2.24
CA ARG A 26 -9.88 -1.96 2.81
C ARG A 26 -9.77 -0.50 3.25
N ASP A 27 -10.92 0.17 3.36
CA ASP A 27 -10.95 1.57 3.74
C ASP A 27 -10.22 1.79 5.06
N GLY A 28 -9.46 2.87 5.12
CA GLY A 28 -8.71 3.22 6.30
C GLY A 28 -7.59 2.23 6.62
N ASP A 29 -6.98 1.69 5.58
CA ASP A 29 -5.83 0.80 5.77
C ASP A 29 -4.55 1.56 5.56
N ILE A 30 -3.46 1.09 6.13
CA ILE A 30 -2.19 1.77 6.02
C ILE A 30 -1.29 1.02 5.04
N VAL A 31 -0.63 1.76 4.17
CA VAL A 31 0.26 1.16 3.21
C VAL A 31 1.72 1.50 3.52
N ASP A 32 2.52 0.46 3.58
CA ASP A 32 3.95 0.58 3.74
C ASP A 32 4.62 -0.06 2.54
N VAL A 33 5.32 0.73 1.76
CA VAL A 33 5.86 0.26 0.50
C VAL A 33 7.09 -0.62 0.69
N MET A 34 6.98 -1.82 0.13
CA MET A 34 8.05 -2.81 0.17
C MET A 34 9.00 -2.62 -1.01
N GLU A 35 8.43 -2.22 -2.14
CA GLU A 35 9.22 -1.93 -3.34
C GLU A 35 8.54 -0.84 -4.15
N LYS A 36 9.34 0.01 -4.76
CA LYS A 36 8.83 1.14 -5.50
C LYS A 36 8.97 0.92 -7.00
N CYS A 37 7.86 0.69 -7.66
CA CYS A 37 7.85 0.54 -9.10
C CYS A 37 7.74 1.91 -9.74
N ASP A 38 8.71 2.25 -10.57
CA ASP A 38 8.77 3.57 -11.20
C ASP A 38 7.60 3.79 -12.15
N ASP A 39 6.79 2.77 -12.35
CA ASP A 39 5.62 2.87 -13.22
C ASP A 39 4.42 3.42 -12.44
N GLY A 40 4.63 3.75 -11.18
CA GLY A 40 3.60 4.41 -10.39
C GLY A 40 2.99 3.54 -9.32
N TRP A 41 3.54 2.34 -9.16
CA TRP A 41 3.01 1.39 -8.20
C TRP A 41 4.02 1.14 -7.09
N PHE A 42 3.57 1.07 -5.85
CA PHE A 42 4.45 0.60 -4.80
C PHE A 42 3.88 -0.69 -4.24
N VAL A 43 4.69 -1.46 -3.57
CA VAL A 43 4.22 -2.68 -2.94
C VAL A 43 3.80 -2.32 -1.53
N GLY A 44 2.94 -3.09 -0.95
CA GLY A 44 2.39 -2.73 0.33
C GLY A 44 2.03 -3.94 1.16
N THR A 45 2.04 -3.76 2.45
CA THR A 45 1.65 -4.84 3.34
C THR A 45 0.32 -4.47 4.01
N SER A 46 -0.63 -5.39 3.96
CA SER A 46 -1.96 -5.13 4.51
C SER A 46 -1.96 -5.26 6.02
N ARG A 47 -2.47 -4.24 6.69
CA ARG A 47 -2.58 -4.22 8.14
C ARG A 47 -3.80 -5.02 8.59
N ARG A 48 -4.32 -5.84 7.71
CA ARG A 48 -5.44 -6.71 8.03
C ARG A 48 -4.96 -8.15 8.23
N THR A 49 -4.52 -8.75 7.14
CA THR A 49 -4.20 -10.17 7.13
C THR A 49 -2.69 -10.43 7.00
N LYS A 50 -1.90 -9.37 7.20
CA LYS A 50 -0.44 -9.47 7.20
C LYS A 50 0.12 -10.01 5.87
N GLN A 51 -0.56 -9.71 4.78
CA GLN A 51 -0.11 -10.13 3.46
C GLN A 51 0.52 -8.98 2.70
N PHE A 52 1.24 -9.33 1.65
CA PHE A 52 2.03 -8.36 0.90
C PHE A 52 1.54 -8.27 -0.53
N GLY A 53 0.98 -7.13 -0.88
CA GLY A 53 0.50 -6.92 -2.24
C GLY A 53 0.88 -5.56 -2.77
N THR A 54 1.02 -5.44 -4.08
CA THR A 54 1.38 -4.15 -4.66
C THR A 54 0.14 -3.49 -5.27
N PHE A 55 0.07 -2.17 -5.16
CA PHE A 55 -1.06 -1.43 -5.71
C PHE A 55 -0.66 0.03 -5.93
N PRO A 56 -1.45 0.79 -6.71
CA PRO A 56 -1.14 2.19 -7.02
C PRO A 56 -1.01 3.04 -5.76
N GLY A 57 0.04 3.86 -5.72
CA GLY A 57 0.28 4.71 -4.57
C GLY A 57 -0.32 6.10 -4.74
N ASN A 58 -1.15 6.26 -5.75
CA ASN A 58 -1.81 7.54 -6.02
C ASN A 58 -3.29 7.45 -5.64
N TYR A 59 -3.65 6.42 -4.90
CA TYR A 59 -5.02 6.16 -4.54
C TYR A 59 -5.19 6.28 -3.03
N VAL A 60 -4.08 6.52 -2.36
CA VAL A 60 -4.04 6.53 -0.91
C VAL A 60 -3.57 7.91 -0.42
N LYS A 61 -3.88 8.26 0.83
CA LYS A 61 -3.51 9.57 1.34
C LYS A 61 -2.66 9.45 2.61
N PRO A 62 -1.79 10.45 2.85
CA PRO A 62 -0.85 10.46 3.98
C PRO A 62 -1.53 10.34 5.34
N LEU A 63 -0.85 9.68 6.27
CA LEU A 63 -1.33 9.54 7.65
C LEU A 63 -1.40 10.90 8.34
N TYR A 64 -2.17 10.95 9.41
CA TYR A 64 -2.32 12.17 10.19
C TYR A 64 -1.02 12.55 10.89
N GLN A 1 14.94 -3.13 2.63
CA GLN A 1 16.36 -2.69 2.70
C GLN A 1 16.50 -1.31 2.11
N THR A 2 15.67 -0.38 2.58
CA THR A 2 15.64 0.96 2.04
C THR A 2 16.52 1.91 2.84
N SER A 3 17.60 2.38 2.22
CA SER A 3 18.46 3.39 2.81
C SER A 3 17.67 4.69 2.92
N GLN A 4 16.99 5.03 1.84
CA GLN A 4 16.06 6.15 1.83
C GLN A 4 14.77 5.73 2.48
N ASP A 5 14.27 6.56 3.38
CA ASP A 5 13.07 6.23 4.12
C ASP A 5 11.83 6.58 3.31
N LEU A 6 10.78 5.82 3.55
CA LEU A 6 9.54 5.94 2.80
C LEU A 6 8.47 6.59 3.66
N PHE A 7 7.20 6.43 3.26
CA PHE A 7 6.11 7.04 3.99
C PHE A 7 4.93 6.08 4.04
N SER A 8 3.95 6.41 4.86
CA SER A 8 2.75 5.61 4.98
C SER A 8 1.53 6.47 4.68
N TYR A 9 0.54 5.89 4.03
CA TYR A 9 -0.66 6.62 3.65
C TYR A 9 -1.89 5.86 4.11
N GLN A 10 -2.99 6.58 4.30
CA GLN A 10 -4.24 5.96 4.71
C GLN A 10 -5.23 6.05 3.55
N ALA A 11 -5.84 4.93 3.21
CA ALA A 11 -6.67 4.82 2.04
C ALA A 11 -8.05 5.40 2.26
N LEU A 12 -8.55 6.09 1.25
CA LEU A 12 -9.82 6.77 1.33
C LEU A 12 -10.98 5.79 1.27
N TYR A 13 -10.79 4.72 0.53
CA TYR A 13 -11.82 3.72 0.32
C TYR A 13 -11.19 2.34 0.29
N SER A 14 -12.02 1.31 0.23
CA SER A 14 -11.54 -0.05 0.13
C SER A 14 -11.20 -0.41 -1.32
N TYR A 15 -10.21 -1.27 -1.49
CA TYR A 15 -9.80 -1.72 -2.81
C TYR A 15 -9.55 -3.22 -2.79
N ILE A 16 -10.11 -3.90 -3.76
CA ILE A 16 -9.99 -5.35 -3.83
C ILE A 16 -8.98 -5.72 -4.91
N PRO A 17 -8.05 -6.64 -4.59
CA PRO A 17 -7.00 -7.06 -5.53
C PRO A 17 -7.57 -7.60 -6.84
N GLN A 18 -7.02 -7.13 -7.95
CA GLN A 18 -7.42 -7.64 -9.26
C GLN A 18 -6.54 -8.82 -9.61
N ASN A 19 -5.29 -8.73 -9.22
CA ASN A 19 -4.34 -9.82 -9.39
C ASN A 19 -3.87 -10.32 -8.03
N ASP A 20 -3.35 -11.55 -8.01
CA ASP A 20 -2.91 -12.19 -6.77
C ASP A 20 -1.63 -11.55 -6.24
N ASP A 21 -0.97 -10.78 -7.08
CA ASP A 21 0.24 -10.06 -6.68
C ASP A 21 -0.15 -8.75 -6.01
N GLU A 22 -1.41 -8.37 -6.15
CA GLU A 22 -1.92 -7.18 -5.51
C GLU A 22 -2.34 -7.49 -4.08
N LEU A 23 -2.68 -6.44 -3.35
CA LEU A 23 -2.98 -6.57 -1.94
C LEU A 23 -4.39 -6.12 -1.65
N GLU A 24 -5.03 -6.74 -0.67
CA GLU A 24 -6.36 -6.33 -0.28
C GLU A 24 -6.28 -5.06 0.55
N LEU A 25 -7.11 -4.10 0.19
CA LEU A 25 -7.05 -2.79 0.75
C LEU A 25 -8.43 -2.42 1.31
N ARG A 26 -8.48 -1.91 2.54
CA ARG A 26 -9.73 -1.52 3.15
C ARG A 26 -9.78 -0.01 3.30
N ASP A 27 -10.98 0.55 3.43
CA ASP A 27 -11.11 1.96 3.73
C ASP A 27 -10.40 2.29 5.03
N GLY A 28 -9.60 3.33 4.98
CA GLY A 28 -8.80 3.73 6.13
C GLY A 28 -7.67 2.76 6.42
N ASP A 29 -7.19 2.09 5.39
CA ASP A 29 -6.06 1.18 5.51
C ASP A 29 -4.77 1.93 5.24
N ILE A 30 -3.66 1.41 5.75
CA ILE A 30 -2.38 2.08 5.62
C ILE A 30 -1.50 1.34 4.61
N VAL A 31 -0.67 2.07 3.88
CA VAL A 31 0.22 1.45 2.92
C VAL A 31 1.66 1.49 3.40
N ASP A 32 2.27 0.31 3.40
CA ASP A 32 3.68 0.15 3.71
C ASP A 32 4.37 -0.42 2.48
N VAL A 33 5.18 0.40 1.83
CA VAL A 33 5.76 0.02 0.57
C VAL A 33 7.04 -0.79 0.73
N MET A 34 6.99 -1.99 0.16
CA MET A 34 8.13 -2.90 0.17
C MET A 34 9.07 -2.58 -0.98
N GLU A 35 8.51 -2.19 -2.11
CA GLU A 35 9.30 -1.76 -3.25
C GLU A 35 8.52 -0.70 -4.03
N LYS A 36 9.23 0.31 -4.50
CA LYS A 36 8.60 1.45 -5.14
C LYS A 36 8.84 1.46 -6.64
N CYS A 37 7.76 1.53 -7.40
CA CYS A 37 7.85 1.79 -8.83
C CYS A 37 7.99 3.28 -9.05
N ASP A 38 8.78 3.65 -10.06
CA ASP A 38 9.05 5.06 -10.34
C ASP A 38 7.82 5.76 -10.89
N ASP A 39 6.78 4.98 -11.19
CA ASP A 39 5.57 5.54 -11.77
C ASP A 39 4.30 4.88 -11.22
N GLY A 40 4.00 5.14 -9.95
CA GLY A 40 2.67 4.89 -9.45
C GLY A 40 2.56 3.79 -8.40
N TRP A 41 3.03 2.60 -8.75
CA TRP A 41 2.78 1.42 -7.91
C TRP A 41 3.85 1.25 -6.85
N PHE A 42 3.43 0.94 -5.64
CA PHE A 42 4.34 0.46 -4.62
C PHE A 42 3.86 -0.89 -4.12
N VAL A 43 4.75 -1.66 -3.52
CA VAL A 43 4.37 -2.94 -2.95
C VAL A 43 3.99 -2.71 -1.51
N GLY A 44 3.26 -3.61 -0.91
CA GLY A 44 2.72 -3.36 0.40
C GLY A 44 2.47 -4.61 1.19
N THR A 45 2.48 -4.48 2.50
CA THR A 45 2.08 -5.56 3.37
C THR A 45 0.74 -5.21 4.02
N SER A 46 -0.17 -6.17 4.06
CA SER A 46 -1.51 -5.92 4.57
C SER A 46 -1.51 -5.90 6.09
N ARG A 47 -2.05 -4.81 6.62
CA ARG A 47 -2.15 -4.58 8.05
C ARG A 47 -2.98 -5.64 8.72
N ARG A 48 -3.95 -6.13 7.97
CA ARG A 48 -4.95 -7.03 8.50
C ARG A 48 -4.56 -8.50 8.27
N THR A 49 -4.50 -8.91 7.01
CA THR A 49 -4.32 -10.32 6.69
C THR A 49 -2.84 -10.72 6.61
N LYS A 50 -1.96 -9.74 6.85
CA LYS A 50 -0.51 -9.97 6.90
C LYS A 50 0.02 -10.57 5.59
N GLN A 51 -0.61 -10.19 4.49
CA GLN A 51 -0.21 -10.65 3.17
C GLN A 51 0.66 -9.61 2.48
N PHE A 52 1.32 -10.01 1.43
CA PHE A 52 2.26 -9.15 0.73
C PHE A 52 1.79 -8.87 -0.68
N GLY A 53 1.23 -7.69 -0.90
CA GLY A 53 0.66 -7.35 -2.17
C GLY A 53 1.04 -5.95 -2.64
N THR A 54 1.07 -5.74 -3.94
CA THR A 54 1.40 -4.43 -4.49
C THR A 54 0.13 -3.71 -4.94
N PHE A 55 0.12 -2.39 -4.83
CA PHE A 55 -1.02 -1.59 -5.28
C PHE A 55 -0.60 -0.14 -5.51
N PRO A 56 -1.37 0.60 -6.33
CA PRO A 56 -1.05 1.99 -6.69
C PRO A 56 -1.05 2.91 -5.48
N GLY A 57 -0.01 3.74 -5.39
CA GLY A 57 0.08 4.70 -4.30
C GLY A 57 -0.49 6.05 -4.65
N ASN A 58 -1.22 6.10 -5.76
CA ASN A 58 -1.86 7.34 -6.21
C ASN A 58 -3.36 7.29 -5.94
N TYR A 59 -3.75 6.32 -5.12
CA TYR A 59 -5.15 6.10 -4.79
C TYR A 59 -5.36 6.38 -3.31
N VAL A 60 -4.26 6.66 -2.65
CA VAL A 60 -4.23 6.78 -1.21
C VAL A 60 -3.74 8.17 -0.80
N LYS A 61 -4.12 8.60 0.41
CA LYS A 61 -3.72 9.91 0.91
C LYS A 61 -2.86 9.77 2.16
N PRO A 62 -2.02 10.78 2.43
CA PRO A 62 -1.16 10.81 3.62
C PRO A 62 -1.95 10.57 4.91
N LEU A 63 -1.31 9.87 5.85
CA LEU A 63 -1.91 9.58 7.14
C LEU A 63 -2.48 10.83 7.79
N TYR A 64 -3.74 10.76 8.17
CA TYR A 64 -4.45 11.90 8.72
C TYR A 64 -4.33 11.92 10.24
N GLN A 1 14.40 8.12 3.84
CA GLN A 1 15.58 8.85 3.29
C GLN A 1 16.29 9.62 4.39
N THR A 2 15.56 10.43 5.14
CA THR A 2 16.14 11.19 6.23
C THR A 2 16.06 10.40 7.52
N SER A 3 16.27 9.08 7.39
CA SER A 3 16.15 8.15 8.50
C SER A 3 14.71 8.10 9.02
N GLN A 4 14.51 7.28 10.05
CA GLN A 4 13.19 7.05 10.64
C GLN A 4 12.19 6.61 9.58
N ASP A 5 12.45 5.42 9.06
CA ASP A 5 11.61 4.77 8.05
C ASP A 5 11.18 5.71 6.92
N LEU A 6 10.13 5.30 6.23
CA LEU A 6 9.51 6.11 5.20
C LEU A 6 8.22 6.72 5.72
N PHE A 7 7.27 6.98 4.84
CA PHE A 7 5.97 7.50 5.25
C PHE A 7 4.93 6.39 5.23
N SER A 8 3.82 6.62 5.91
CA SER A 8 2.71 5.68 5.88
C SER A 8 1.46 6.40 5.41
N TYR A 9 0.63 5.72 4.67
CA TYR A 9 -0.58 6.31 4.13
C TYR A 9 -1.79 5.50 4.53
N GLN A 10 -2.94 6.16 4.61
CA GLN A 10 -4.20 5.49 4.91
C GLN A 10 -5.06 5.51 3.65
N ALA A 11 -5.60 4.35 3.30
CA ALA A 11 -6.33 4.23 2.05
C ALA A 11 -7.75 4.77 2.18
N LEU A 12 -8.14 5.53 1.16
CA LEU A 12 -9.39 6.26 1.16
C LEU A 12 -10.59 5.33 1.15
N TYR A 13 -10.49 4.24 0.40
CA TYR A 13 -11.58 3.30 0.27
C TYR A 13 -11.05 1.89 0.03
N SER A 14 -11.95 0.92 0.09
CA SER A 14 -11.58 -0.47 -0.04
C SER A 14 -11.47 -0.90 -1.51
N TYR A 15 -10.55 -1.81 -1.78
CA TYR A 15 -10.25 -2.26 -3.13
C TYR A 15 -10.09 -3.77 -3.16
N ILE A 16 -10.59 -4.40 -4.21
CA ILE A 16 -10.49 -5.83 -4.36
C ILE A 16 -9.49 -6.16 -5.47
N PRO A 17 -8.51 -7.03 -5.17
CA PRO A 17 -7.43 -7.37 -6.11
C PRO A 17 -7.95 -7.87 -7.45
N GLN A 18 -7.38 -7.34 -8.52
CA GLN A 18 -7.69 -7.78 -9.86
C GLN A 18 -6.62 -8.76 -10.32
N ASN A 19 -5.42 -8.53 -9.81
CA ASN A 19 -4.29 -9.43 -10.03
C ASN A 19 -3.88 -10.04 -8.69
N ASP A 20 -3.25 -11.21 -8.74
CA ASP A 20 -2.84 -11.90 -7.52
C ASP A 20 -1.69 -11.17 -6.85
N ASP A 21 -0.98 -10.37 -7.64
CA ASP A 21 0.10 -9.54 -7.11
C ASP A 21 -0.46 -8.39 -6.28
N GLU A 22 -1.73 -8.08 -6.48
CA GLU A 22 -2.36 -6.95 -5.82
C GLU A 22 -2.87 -7.34 -4.44
N LEU A 23 -2.96 -6.35 -3.57
CA LEU A 23 -3.33 -6.54 -2.19
C LEU A 23 -4.83 -6.32 -2.03
N GLU A 24 -5.44 -7.09 -1.13
CA GLU A 24 -6.84 -6.85 -0.81
C GLU A 24 -6.90 -5.66 0.13
N LEU A 25 -7.53 -4.61 -0.34
CA LEU A 25 -7.50 -3.33 0.35
C LEU A 25 -8.84 -3.06 1.01
N ARG A 26 -8.80 -2.69 2.28
CA ARG A 26 -10.01 -2.25 2.97
C ARG A 26 -9.87 -0.79 3.35
N ASP A 27 -10.99 -0.08 3.33
CA ASP A 27 -10.98 1.35 3.60
C ASP A 27 -10.34 1.65 4.94
N GLY A 28 -9.35 2.52 4.91
CA GLY A 28 -8.60 2.86 6.11
C GLY A 28 -7.45 1.90 6.38
N ASP A 29 -6.90 1.32 5.33
CA ASP A 29 -5.71 0.49 5.44
C ASP A 29 -4.48 1.37 5.38
N ILE A 30 -3.43 0.97 6.07
CA ILE A 30 -2.18 1.72 6.04
C ILE A 30 -1.19 0.97 5.16
N VAL A 31 -0.46 1.69 4.32
CA VAL A 31 0.42 1.05 3.37
C VAL A 31 1.90 1.26 3.70
N ASP A 32 2.64 0.18 3.58
CA ASP A 32 4.08 0.17 3.72
C ASP A 32 4.69 -0.43 2.47
N VAL A 33 5.51 0.35 1.77
CA VAL A 33 6.02 -0.07 0.48
C VAL A 33 7.19 -1.02 0.59
N MET A 34 7.00 -2.19 0.00
CA MET A 34 8.03 -3.22 -0.09
C MET A 34 8.96 -2.93 -1.25
N GLU A 35 8.39 -2.51 -2.36
CA GLU A 35 9.17 -2.21 -3.56
C GLU A 35 8.51 -1.08 -4.33
N LYS A 36 9.32 -0.19 -4.87
CA LYS A 36 8.80 0.98 -5.57
C LYS A 36 8.85 0.77 -7.08
N CYS A 37 7.72 0.98 -7.73
CA CYS A 37 7.67 1.04 -9.17
C CYS A 37 7.81 2.49 -9.61
N ASP A 38 8.67 2.73 -10.58
CA ASP A 38 9.04 4.10 -10.99
C ASP A 38 7.84 4.88 -11.51
N ASP A 39 6.77 4.17 -11.86
CA ASP A 39 5.55 4.78 -12.37
C ASP A 39 4.79 5.50 -11.26
N GLY A 40 5.03 5.10 -10.01
CA GLY A 40 4.32 5.70 -8.90
C GLY A 40 3.53 4.67 -8.11
N TRP A 41 3.72 3.40 -8.44
CA TRP A 41 3.06 2.30 -7.76
C TRP A 41 4.04 1.67 -6.79
N PHE A 42 3.59 1.32 -5.60
CA PHE A 42 4.46 0.64 -4.66
C PHE A 42 3.83 -0.69 -4.24
N VAL A 43 4.62 -1.56 -3.64
CA VAL A 43 4.09 -2.76 -3.05
C VAL A 43 3.75 -2.43 -1.62
N GLY A 44 2.81 -3.12 -1.06
CA GLY A 44 2.31 -2.75 0.24
C GLY A 44 1.92 -3.92 1.09
N THR A 45 1.98 -3.74 2.39
CA THR A 45 1.56 -4.77 3.31
C THR A 45 0.32 -4.30 4.07
N SER A 46 -0.73 -5.11 4.08
CA SER A 46 -1.96 -4.73 4.76
C SER A 46 -1.85 -4.95 6.26
N ARG A 47 -2.28 -3.95 7.02
CA ARG A 47 -2.28 -3.99 8.47
C ARG A 47 -3.26 -5.02 9.02
N ARG A 48 -4.13 -5.49 8.16
CA ARG A 48 -5.15 -6.45 8.54
C ARG A 48 -4.61 -7.88 8.51
N THR A 49 -4.56 -8.46 7.32
CA THR A 49 -4.20 -9.86 7.16
C THR A 49 -2.69 -10.04 7.07
N LYS A 50 -1.95 -8.92 7.12
CA LYS A 50 -0.50 -8.94 7.08
C LYS A 50 0.03 -9.55 5.78
N GLN A 51 -0.77 -9.42 4.72
CA GLN A 51 -0.40 -9.91 3.41
C GLN A 51 0.35 -8.85 2.63
N PHE A 52 1.04 -9.27 1.59
CA PHE A 52 1.90 -8.37 0.82
C PHE A 52 1.37 -8.25 -0.60
N GLY A 53 0.80 -7.11 -0.91
CA GLY A 53 0.26 -6.88 -2.24
C GLY A 53 0.64 -5.53 -2.78
N THR A 54 0.74 -5.40 -4.09
CA THR A 54 1.10 -4.14 -4.69
C THR A 54 -0.13 -3.42 -5.22
N PHE A 55 -0.13 -2.10 -5.12
CA PHE A 55 -1.23 -1.30 -5.63
C PHE A 55 -0.75 0.14 -5.86
N PRO A 56 -1.51 0.94 -6.63
CA PRO A 56 -1.14 2.33 -6.95
C PRO A 56 -0.91 3.17 -5.69
N GLY A 57 0.17 3.94 -5.69
CA GLY A 57 0.45 4.82 -4.58
C GLY A 57 -0.30 6.13 -4.69
N ASN A 58 -0.76 6.43 -5.90
CA ASN A 58 -1.54 7.63 -6.14
C ASN A 58 -3.02 7.29 -5.99
N TYR A 59 -3.28 6.49 -4.97
CA TYR A 59 -4.62 6.01 -4.68
C TYR A 59 -4.87 6.11 -3.16
N VAL A 60 -3.81 6.45 -2.45
CA VAL A 60 -3.84 6.47 -1.00
C VAL A 60 -3.50 7.87 -0.48
N LYS A 61 -3.86 8.18 0.75
CA LYS A 61 -3.59 9.50 1.29
C LYS A 61 -2.71 9.41 2.54
N PRO A 62 -1.90 10.44 2.79
CA PRO A 62 -1.00 10.52 3.96
C PRO A 62 -1.77 10.48 5.28
N LEU A 63 -1.16 9.89 6.29
CA LEU A 63 -1.74 9.86 7.63
C LEU A 63 -1.91 11.27 8.15
N TYR A 64 -3.13 11.58 8.57
CA TYR A 64 -3.50 12.90 9.02
C TYR A 64 -3.17 13.09 10.49
N GLN A 1 16.67 10.39 0.99
CA GLN A 1 16.59 9.24 0.06
C GLN A 1 17.36 8.03 0.57
N THR A 2 17.87 8.10 1.80
CA THR A 2 18.62 7.00 2.37
C THR A 2 17.67 5.88 2.78
N SER A 3 17.72 4.76 2.05
CA SER A 3 16.84 3.63 2.30
C SER A 3 15.38 4.04 2.14
N GLN A 4 14.51 3.53 3.00
CA GLN A 4 13.10 3.91 2.97
C GLN A 4 12.93 5.35 3.42
N ASP A 5 12.63 6.21 2.46
CA ASP A 5 12.51 7.64 2.72
C ASP A 5 11.07 8.06 2.56
N LEU A 6 10.25 7.06 2.43
CA LEU A 6 8.84 7.22 2.19
C LEU A 6 8.07 7.39 3.50
N PHE A 7 6.76 7.35 3.40
CA PHE A 7 5.89 7.51 4.55
C PHE A 7 4.78 6.48 4.50
N SER A 8 4.02 6.41 5.57
CA SER A 8 2.90 5.50 5.66
C SER A 8 1.63 6.25 5.28
N TYR A 9 0.75 5.58 4.55
CA TYR A 9 -0.45 6.22 4.05
C TYR A 9 -1.68 5.42 4.45
N GLN A 10 -2.82 6.11 4.52
CA GLN A 10 -4.10 5.47 4.84
C GLN A 10 -4.96 5.46 3.60
N ALA A 11 -5.49 4.30 3.26
CA ALA A 11 -6.22 4.14 2.01
C ALA A 11 -7.65 4.65 2.14
N LEU A 12 -8.05 5.39 1.13
CA LEU A 12 -9.33 6.10 1.11
C LEU A 12 -10.50 5.13 1.19
N TYR A 13 -10.40 4.03 0.45
CA TYR A 13 -11.44 3.02 0.44
C TYR A 13 -10.84 1.65 0.15
N SER A 14 -11.67 0.62 0.16
CA SER A 14 -11.20 -0.75 0.01
C SER A 14 -10.87 -1.09 -1.44
N TYR A 15 -9.91 -1.99 -1.61
CA TYR A 15 -9.45 -2.39 -2.94
C TYR A 15 -9.42 -3.91 -3.02
N ILE A 16 -9.85 -4.45 -4.14
CA ILE A 16 -9.82 -5.88 -4.35
C ILE A 16 -8.78 -6.25 -5.40
N PRO A 17 -7.87 -7.16 -5.08
CA PRO A 17 -6.79 -7.55 -5.98
C PRO A 17 -7.32 -8.21 -7.24
N GLN A 18 -6.81 -7.76 -8.38
CA GLN A 18 -7.12 -8.38 -9.66
C GLN A 18 -6.16 -9.55 -9.85
N ASN A 19 -4.92 -9.30 -9.50
CA ASN A 19 -3.91 -10.34 -9.44
C ASN A 19 -3.45 -10.48 -8.00
N ASP A 20 -2.96 -11.66 -7.62
CA ASP A 20 -2.55 -11.91 -6.24
C ASP A 20 -1.26 -11.18 -5.90
N ASP A 21 -0.67 -10.51 -6.89
CA ASP A 21 0.44 -9.61 -6.64
C ASP A 21 -0.08 -8.31 -6.05
N GLU A 22 -1.34 -8.03 -6.35
CA GLU A 22 -2.01 -6.85 -5.81
C GLU A 22 -2.56 -7.16 -4.43
N LEU A 23 -2.76 -6.12 -3.65
CA LEU A 23 -3.09 -6.29 -2.25
C LEU A 23 -4.59 -6.15 -2.00
N GLU A 24 -5.11 -7.01 -1.13
CA GLU A 24 -6.49 -6.86 -0.70
C GLU A 24 -6.55 -5.76 0.33
N LEU A 25 -7.25 -4.70 -0.01
CA LEU A 25 -7.20 -3.47 0.73
C LEU A 25 -8.56 -3.21 1.39
N ARG A 26 -8.55 -2.83 2.65
CA ARG A 26 -9.76 -2.41 3.32
C ARG A 26 -9.68 -0.92 3.62
N ASP A 27 -10.81 -0.25 3.52
CA ASP A 27 -10.88 1.19 3.77
C ASP A 27 -10.19 1.56 5.08
N GLY A 28 -9.31 2.52 4.99
CA GLY A 28 -8.54 2.97 6.12
C GLY A 28 -7.37 2.06 6.46
N ASP A 29 -6.88 1.34 5.46
CA ASP A 29 -5.68 0.53 5.63
C ASP A 29 -4.45 1.41 5.55
N ILE A 30 -3.40 1.03 6.26
CA ILE A 30 -2.15 1.75 6.20
C ILE A 30 -1.16 0.98 5.36
N VAL A 31 -0.51 1.66 4.43
CA VAL A 31 0.39 0.98 3.52
C VAL A 31 1.84 1.31 3.81
N ASP A 32 2.62 0.25 3.87
CA ASP A 32 4.07 0.37 3.98
C ASP A 32 4.69 -0.23 2.74
N VAL A 33 5.30 0.62 1.93
CA VAL A 33 5.76 0.20 0.62
C VAL A 33 7.03 -0.63 0.70
N MET A 34 6.94 -1.81 0.10
CA MET A 34 8.01 -2.80 0.10
C MET A 34 8.95 -2.56 -1.06
N GLU A 35 8.40 -1.99 -2.13
CA GLU A 35 9.17 -1.76 -3.35
C GLU A 35 8.48 -0.71 -4.20
N LYS A 36 9.27 0.07 -4.91
CA LYS A 36 8.75 1.09 -5.80
C LYS A 36 8.70 0.55 -7.23
N CYS A 37 7.52 0.48 -7.79
CA CYS A 37 7.35 0.05 -9.17
C CYS A 37 7.39 1.27 -10.08
N ASP A 38 8.23 1.19 -11.12
CA ASP A 38 8.43 2.30 -12.05
C ASP A 38 7.13 2.68 -12.75
N ASP A 39 6.20 1.74 -12.77
CA ASP A 39 4.90 1.95 -13.39
C ASP A 39 4.10 3.03 -12.64
N GLY A 40 4.47 3.28 -11.39
CA GLY A 40 3.77 4.28 -10.59
C GLY A 40 3.08 3.67 -9.39
N TRP A 41 3.30 2.37 -9.20
CA TRP A 41 2.73 1.65 -8.08
C TRP A 41 3.79 1.38 -7.03
N PHE A 42 3.39 1.21 -5.78
CA PHE A 42 4.31 0.68 -4.79
C PHE A 42 3.75 -0.64 -4.27
N VAL A 43 4.61 -1.45 -3.69
CA VAL A 43 4.16 -2.66 -3.03
C VAL A 43 3.90 -2.33 -1.59
N GLY A 44 3.11 -3.11 -0.92
CA GLY A 44 2.67 -2.73 0.41
C GLY A 44 2.13 -3.90 1.20
N THR A 45 2.17 -3.78 2.50
CA THR A 45 1.64 -4.83 3.35
C THR A 45 0.37 -4.35 4.05
N SER A 46 -0.67 -5.19 4.01
CA SER A 46 -2.00 -4.85 4.54
C SER A 46 -2.03 -4.96 6.05
N ARG A 47 -2.73 -4.01 6.67
CA ARG A 47 -2.80 -3.95 8.13
C ARG A 47 -3.74 -5.02 8.65
N ARG A 48 -4.76 -5.27 7.86
CA ARG A 48 -5.84 -6.17 8.23
C ARG A 48 -5.43 -7.65 8.14
N THR A 49 -4.80 -8.02 7.03
CA THR A 49 -4.56 -9.43 6.75
C THR A 49 -3.07 -9.73 6.58
N LYS A 50 -2.23 -8.71 6.81
CA LYS A 50 -0.78 -8.84 6.71
C LYS A 50 -0.32 -9.47 5.40
N GLN A 51 -1.09 -9.26 4.35
CA GLN A 51 -0.69 -9.72 3.02
C GLN A 51 0.25 -8.71 2.39
N PHE A 52 0.99 -9.14 1.40
CA PHE A 52 1.97 -8.29 0.75
C PHE A 52 1.57 -8.08 -0.70
N GLY A 53 0.99 -6.93 -0.96
CA GLY A 53 0.46 -6.65 -2.28
C GLY A 53 0.85 -5.29 -2.78
N THR A 54 0.97 -5.16 -4.10
CA THR A 54 1.30 -3.89 -4.69
C THR A 54 0.04 -3.24 -5.26
N PHE A 55 -0.03 -1.92 -5.16
CA PHE A 55 -1.17 -1.17 -5.68
C PHE A 55 -0.75 0.28 -5.91
N PRO A 56 -1.56 1.07 -6.64
CA PRO A 56 -1.22 2.47 -6.93
C PRO A 56 -0.92 3.27 -5.68
N GLY A 57 0.18 4.02 -5.72
CA GLY A 57 0.55 4.82 -4.57
C GLY A 57 -0.14 6.17 -4.56
N ASN A 58 -0.79 6.51 -5.67
CA ASN A 58 -1.54 7.76 -5.77
C ASN A 58 -3.01 7.47 -5.56
N TYR A 59 -3.27 6.35 -4.89
CA TYR A 59 -4.62 5.90 -4.59
C TYR A 59 -4.83 5.97 -3.08
N VAL A 60 -3.74 6.27 -2.39
CA VAL A 60 -3.73 6.29 -0.94
C VAL A 60 -3.32 7.69 -0.46
N LYS A 61 -3.73 8.07 0.75
CA LYS A 61 -3.44 9.41 1.24
C LYS A 61 -2.67 9.36 2.56
N PRO A 62 -1.84 10.38 2.82
CA PRO A 62 -1.00 10.48 4.03
C PRO A 62 -1.78 10.31 5.34
N LEU A 63 -1.16 9.63 6.30
CA LEU A 63 -1.74 9.39 7.61
C LEU A 63 -2.08 10.69 8.33
N TYR A 64 -3.12 10.61 9.16
CA TYR A 64 -3.64 11.75 9.87
C TYR A 64 -2.79 12.06 11.09
N GLN A 1 12.06 -3.16 8.55
CA GLN A 1 13.40 -3.77 8.46
C GLN A 1 14.18 -3.51 9.76
N THR A 2 13.72 -4.15 10.83
CA THR A 2 14.30 -4.02 12.18
C THR A 2 14.49 -2.55 12.61
N SER A 3 15.65 -2.00 12.32
CA SER A 3 15.96 -0.62 12.70
C SER A 3 15.38 0.34 11.67
N GLN A 4 15.36 -0.10 10.42
CA GLN A 4 14.88 0.72 9.33
C GLN A 4 13.39 0.53 9.13
N ASP A 5 12.68 1.63 9.21
CA ASP A 5 11.24 1.61 9.03
C ASP A 5 10.85 2.66 8.01
N LEU A 6 9.75 2.41 7.34
CA LEU A 6 9.32 3.24 6.24
C LEU A 6 8.21 4.17 6.67
N PHE A 7 7.63 4.87 5.70
CA PHE A 7 6.48 5.70 5.98
C PHE A 7 5.23 5.00 5.51
N SER A 8 4.12 5.36 6.10
CA SER A 8 2.88 4.67 5.89
C SER A 8 1.81 5.59 5.36
N TYR A 9 0.95 5.06 4.52
CA TYR A 9 -0.18 5.83 4.00
C TYR A 9 -1.47 5.12 4.37
N GLN A 10 -2.56 5.86 4.50
CA GLN A 10 -3.85 5.26 4.77
C GLN A 10 -4.73 5.38 3.54
N ALA A 11 -5.34 4.28 3.16
CA ALA A 11 -6.09 4.22 1.91
C ALA A 11 -7.47 4.85 2.05
N LEU A 12 -7.84 5.59 1.02
CA LEU A 12 -9.07 6.38 1.02
C LEU A 12 -10.30 5.49 1.10
N TYR A 13 -10.26 4.38 0.39
CA TYR A 13 -11.34 3.43 0.37
C TYR A 13 -10.80 2.04 0.10
N SER A 14 -11.68 1.06 0.05
CA SER A 14 -11.27 -0.33 -0.11
C SER A 14 -11.04 -0.69 -1.58
N TYR A 15 -10.03 -1.52 -1.82
CA TYR A 15 -9.62 -1.88 -3.18
C TYR A 15 -9.52 -3.40 -3.32
N ILE A 16 -9.91 -3.91 -4.47
CA ILE A 16 -9.88 -5.34 -4.74
C ILE A 16 -8.81 -5.67 -5.76
N PRO A 17 -7.94 -6.64 -5.46
CA PRO A 17 -6.82 -7.04 -6.32
C PRO A 17 -7.26 -7.50 -7.70
N GLN A 18 -6.56 -7.02 -8.72
CA GLN A 18 -6.75 -7.49 -10.08
C GLN A 18 -5.85 -8.69 -10.32
N ASN A 19 -4.66 -8.62 -9.75
CA ASN A 19 -3.65 -9.65 -9.88
C ASN A 19 -3.30 -10.21 -8.52
N ASP A 20 -2.58 -11.34 -8.49
CA ASP A 20 -2.13 -11.93 -7.24
C ASP A 20 -0.88 -11.18 -6.75
N ASP A 21 -0.39 -10.27 -7.59
CA ASP A 21 0.65 -9.33 -7.19
C ASP A 21 0.07 -8.33 -6.20
N GLU A 22 -1.20 -8.00 -6.42
CA GLU A 22 -1.86 -6.93 -5.70
C GLU A 22 -2.42 -7.38 -4.36
N LEU A 23 -2.70 -6.41 -3.52
CA LEU A 23 -3.13 -6.63 -2.16
C LEU A 23 -4.62 -6.40 -2.05
N GLU A 24 -5.30 -7.16 -1.20
CA GLU A 24 -6.69 -6.86 -0.92
C GLU A 24 -6.73 -5.75 0.12
N LEU A 25 -7.25 -4.62 -0.28
CA LEU A 25 -7.08 -3.40 0.46
C LEU A 25 -8.42 -2.93 1.02
N ARG A 26 -8.43 -2.53 2.28
CA ARG A 26 -9.65 -2.05 2.90
C ARG A 26 -9.59 -0.54 3.07
N ASP A 27 -10.74 0.10 3.16
CA ASP A 27 -10.78 1.53 3.46
C ASP A 27 -10.12 1.79 4.80
N GLY A 28 -9.33 2.85 4.85
CA GLY A 28 -8.59 3.20 6.06
C GLY A 28 -7.57 2.16 6.45
N ASP A 29 -7.06 1.45 5.46
CA ASP A 29 -5.99 0.48 5.66
C ASP A 29 -4.66 1.15 5.35
N ILE A 30 -3.60 0.73 6.02
CA ILE A 30 -2.32 1.40 5.90
C ILE A 30 -1.41 0.63 4.96
N VAL A 31 -0.77 1.35 4.05
CA VAL A 31 0.16 0.74 3.12
C VAL A 31 1.59 1.19 3.40
N ASP A 32 2.47 0.22 3.43
CA ASP A 32 3.90 0.43 3.59
C ASP A 32 4.62 -0.15 2.39
N VAL A 33 5.28 0.70 1.62
CA VAL A 33 5.83 0.27 0.34
C VAL A 33 7.08 -0.57 0.49
N MET A 34 6.98 -1.80 -0.01
CA MET A 34 8.08 -2.75 0.05
C MET A 34 8.96 -2.65 -1.20
N GLU A 35 8.33 -2.30 -2.31
CA GLU A 35 9.04 -2.12 -3.57
C GLU A 35 8.36 -1.01 -4.35
N LYS A 36 9.14 -0.26 -5.10
CA LYS A 36 8.63 0.91 -5.79
C LYS A 36 8.66 0.75 -7.29
N CYS A 37 7.56 1.08 -7.94
CA CYS A 37 7.59 1.35 -9.36
C CYS A 37 8.17 2.75 -9.53
N ASP A 38 9.09 2.88 -10.48
CA ASP A 38 9.89 4.09 -10.62
C ASP A 38 9.02 5.34 -10.76
N ASP A 39 7.80 5.16 -11.24
CA ASP A 39 6.85 6.25 -11.36
C ASP A 39 5.43 5.73 -11.48
N GLY A 40 4.83 5.39 -10.35
CA GLY A 40 3.45 4.94 -10.35
C GLY A 40 3.01 4.33 -9.04
N TRP A 41 3.10 3.01 -8.95
CA TRP A 41 2.55 2.29 -7.82
C TRP A 41 3.65 1.78 -6.90
N PHE A 42 3.27 1.44 -5.67
CA PHE A 42 4.21 0.84 -4.73
C PHE A 42 3.61 -0.44 -4.18
N VAL A 43 4.41 -1.22 -3.48
CA VAL A 43 3.93 -2.41 -2.83
C VAL A 43 3.47 -2.03 -1.42
N GLY A 44 2.80 -2.92 -0.73
CA GLY A 44 2.29 -2.58 0.57
C GLY A 44 1.93 -3.80 1.39
N THR A 45 1.95 -3.65 2.69
CA THR A 45 1.50 -4.71 3.57
C THR A 45 0.20 -4.31 4.24
N SER A 46 -0.81 -5.16 4.14
CA SER A 46 -2.12 -4.84 4.69
C SER A 46 -2.14 -5.06 6.20
N ARG A 47 -2.68 -4.08 6.91
CA ARG A 47 -2.81 -4.15 8.36
C ARG A 47 -3.98 -5.06 8.74
N ARG A 48 -4.60 -5.68 7.74
CA ARG A 48 -5.69 -6.60 7.96
C ARG A 48 -5.17 -8.00 8.25
N THR A 49 -4.61 -8.64 7.23
CA THR A 49 -4.18 -10.02 7.32
C THR A 49 -2.65 -10.13 7.24
N LYS A 50 -1.98 -8.98 7.35
CA LYS A 50 -0.52 -8.90 7.32
C LYS A 50 0.09 -9.56 6.10
N GLN A 51 -0.60 -9.45 4.96
CA GLN A 51 -0.08 -9.96 3.71
C GLN A 51 0.55 -8.83 2.90
N PHE A 52 1.33 -9.19 1.90
CA PHE A 52 2.11 -8.22 1.16
C PHE A 52 1.65 -8.15 -0.29
N GLY A 53 1.00 -7.07 -0.64
CA GLY A 53 0.51 -6.88 -1.99
C GLY A 53 0.79 -5.48 -2.49
N THR A 54 0.89 -5.33 -3.79
CA THR A 54 1.16 -4.03 -4.38
C THR A 54 -0.12 -3.41 -4.94
N PHE A 55 -0.18 -2.08 -4.96
CA PHE A 55 -1.31 -1.38 -5.55
C PHE A 55 -0.96 0.10 -5.77
N PRO A 56 -1.79 0.85 -6.51
CA PRO A 56 -1.48 2.25 -6.86
C PRO A 56 -1.09 3.11 -5.67
N GLY A 57 -0.02 3.89 -5.83
CA GLY A 57 0.43 4.77 -4.79
C GLY A 57 -0.24 6.12 -4.88
N ASN A 58 -0.93 6.36 -5.99
CA ASN A 58 -1.66 7.59 -6.21
C ASN A 58 -3.10 7.40 -5.79
N TYR A 59 -3.32 6.36 -4.99
CA TYR A 59 -4.65 5.96 -4.60
C TYR A 59 -4.76 6.01 -3.08
N VAL A 60 -3.63 6.29 -2.45
CA VAL A 60 -3.54 6.29 -1.00
C VAL A 60 -3.02 7.65 -0.54
N LYS A 61 -3.36 8.04 0.68
CA LYS A 61 -2.97 9.35 1.21
C LYS A 61 -2.19 9.20 2.50
N PRO A 62 -1.40 10.22 2.86
CA PRO A 62 -0.63 10.24 4.12
C PRO A 62 -1.50 9.97 5.34
N LEU A 63 -0.90 9.39 6.37
CA LEU A 63 -1.61 9.05 7.60
C LEU A 63 -2.18 10.28 8.29
N TYR A 64 -3.13 10.03 9.18
CA TYR A 64 -3.84 11.07 9.90
C TYR A 64 -2.92 11.77 10.90
N GLN A 1 10.31 5.36 9.78
CA GLN A 1 9.87 5.50 11.19
C GLN A 1 11.06 5.82 12.08
N THR A 2 11.93 4.84 12.30
CA THR A 2 13.13 5.03 13.08
C THR A 2 14.18 5.70 12.22
N SER A 3 14.46 5.10 11.08
CA SER A 3 15.33 5.69 10.09
C SER A 3 14.52 6.70 9.29
N GLN A 4 15.20 7.56 8.55
CA GLN A 4 14.54 8.55 7.75
C GLN A 4 14.32 7.99 6.35
N ASP A 5 13.30 7.17 6.23
CA ASP A 5 12.98 6.48 5.00
C ASP A 5 11.56 6.80 4.57
N LEU A 6 10.94 5.87 3.86
CA LEU A 6 9.57 6.03 3.41
C LEU A 6 8.60 6.17 4.58
N PHE A 7 7.33 6.31 4.24
CA PHE A 7 6.29 6.52 5.23
C PHE A 7 5.04 5.75 4.85
N SER A 8 4.18 5.56 5.85
CA SER A 8 2.96 4.79 5.69
C SER A 8 1.84 5.65 5.14
N TYR A 9 0.96 5.04 4.37
CA TYR A 9 -0.18 5.74 3.80
C TYR A 9 -1.47 5.15 4.34
N GLN A 10 -2.51 5.95 4.41
CA GLN A 10 -3.84 5.47 4.80
C GLN A 10 -4.74 5.51 3.59
N ALA A 11 -5.40 4.41 3.31
CA ALA A 11 -6.20 4.28 2.10
C ALA A 11 -7.54 4.97 2.25
N LEU A 12 -7.95 5.62 1.18
CA LEU A 12 -9.16 6.42 1.18
C LEU A 12 -10.41 5.54 1.23
N TYR A 13 -10.33 4.40 0.55
CA TYR A 13 -11.42 3.44 0.55
C TYR A 13 -10.86 2.05 0.33
N SER A 14 -11.73 1.05 0.26
CA SER A 14 -11.28 -0.33 0.13
C SER A 14 -11.08 -0.71 -1.34
N TYR A 15 -10.02 -1.47 -1.59
CA TYR A 15 -9.64 -1.88 -2.94
C TYR A 15 -9.53 -3.38 -3.02
N ILE A 16 -10.00 -3.95 -4.12
CA ILE A 16 -9.96 -5.38 -4.32
C ILE A 16 -8.95 -5.72 -5.42
N PRO A 17 -8.05 -6.68 -5.14
CA PRO A 17 -6.97 -7.05 -6.05
C PRO A 17 -7.46 -7.44 -7.44
N GLN A 18 -6.79 -6.91 -8.45
CA GLN A 18 -7.07 -7.28 -9.83
C GLN A 18 -6.16 -8.43 -10.24
N ASN A 19 -4.95 -8.40 -9.69
CA ASN A 19 -4.00 -9.49 -9.87
C ASN A 19 -3.74 -10.16 -8.53
N ASP A 20 -3.22 -11.38 -8.56
CA ASP A 20 -2.92 -12.11 -7.33
C ASP A 20 -1.67 -11.58 -6.66
N ASP A 21 -0.90 -10.80 -7.42
CA ASP A 21 0.30 -10.16 -6.89
C ASP A 21 -0.08 -8.89 -6.14
N GLU A 22 -1.33 -8.48 -6.35
CA GLU A 22 -1.86 -7.29 -5.71
C GLU A 22 -2.38 -7.60 -4.31
N LEU A 23 -2.73 -6.55 -3.58
CA LEU A 23 -3.10 -6.66 -2.18
C LEU A 23 -4.57 -6.36 -1.98
N GLU A 24 -5.21 -7.10 -1.06
CA GLU A 24 -6.57 -6.77 -0.68
C GLU A 24 -6.53 -5.62 0.30
N LEU A 25 -7.10 -4.50 -0.10
CA LEU A 25 -6.93 -3.26 0.61
C LEU A 25 -8.26 -2.81 1.22
N ARG A 26 -8.22 -2.37 2.46
CA ARG A 26 -9.43 -1.94 3.14
C ARG A 26 -9.45 -0.41 3.26
N ASP A 27 -10.64 0.15 3.39
CA ASP A 27 -10.78 1.57 3.62
C ASP A 27 -10.18 1.97 4.95
N GLY A 28 -9.41 3.04 4.93
CA GLY A 28 -8.70 3.52 6.10
C GLY A 28 -7.68 2.51 6.61
N ASP A 29 -7.09 1.78 5.68
CA ASP A 29 -6.06 0.82 6.00
C ASP A 29 -4.69 1.45 5.76
N ILE A 30 -3.72 1.16 6.61
CA ILE A 30 -2.41 1.80 6.48
C ILE A 30 -1.43 0.86 5.79
N VAL A 31 -0.79 1.35 4.75
CA VAL A 31 0.08 0.54 3.94
C VAL A 31 1.51 1.06 3.93
N ASP A 32 2.45 0.13 3.92
CA ASP A 32 3.87 0.43 3.78
C ASP A 32 4.37 -0.12 2.46
N VAL A 33 5.00 0.73 1.68
CA VAL A 33 5.55 0.31 0.40
C VAL A 33 6.85 -0.45 0.58
N MET A 34 6.85 -1.66 0.03
CA MET A 34 8.02 -2.52 0.06
C MET A 34 8.97 -2.18 -1.07
N GLU A 35 8.40 -1.83 -2.21
CA GLU A 35 9.20 -1.42 -3.35
C GLU A 35 8.42 -0.41 -4.18
N LYS A 36 9.12 0.60 -4.68
CA LYS A 36 8.49 1.63 -5.47
C LYS A 36 8.72 1.42 -6.95
N CYS A 37 7.65 1.50 -7.73
CA CYS A 37 7.77 1.50 -9.18
C CYS A 37 7.74 2.93 -9.68
N ASP A 38 8.64 3.23 -10.60
CA ASP A 38 8.78 4.56 -11.16
C ASP A 38 7.50 5.06 -11.78
N ASP A 39 6.72 4.13 -12.31
CA ASP A 39 5.44 4.45 -12.93
C ASP A 39 4.53 5.19 -11.95
N GLY A 40 4.34 4.64 -10.76
CA GLY A 40 3.49 5.29 -9.79
C GLY A 40 2.89 4.35 -8.76
N TRP A 41 3.05 3.05 -8.93
CA TRP A 41 2.49 2.11 -7.97
C TRP A 41 3.58 1.51 -7.10
N PHE A 42 3.24 1.17 -5.87
CA PHE A 42 4.21 0.64 -4.93
C PHE A 42 3.74 -0.72 -4.43
N VAL A 43 4.60 -1.42 -3.71
CA VAL A 43 4.21 -2.65 -3.06
C VAL A 43 3.72 -2.29 -1.68
N GLY A 44 3.02 -3.19 -1.02
CA GLY A 44 2.39 -2.81 0.22
C GLY A 44 2.05 -3.98 1.11
N THR A 45 1.93 -3.72 2.39
CA THR A 45 1.47 -4.72 3.33
C THR A 45 0.20 -4.22 4.03
N SER A 46 -0.85 -5.03 4.02
CA SER A 46 -2.12 -4.64 4.63
C SER A 46 -2.13 -4.94 6.11
N ARG A 47 -2.70 -4.03 6.88
CA ARG A 47 -2.79 -4.15 8.33
C ARG A 47 -3.71 -5.27 8.75
N ARG A 48 -4.55 -5.71 7.81
CA ARG A 48 -5.58 -6.69 8.10
C ARG A 48 -5.01 -8.11 8.17
N THR A 49 -4.87 -8.73 7.02
CA THR A 49 -4.53 -10.13 6.93
C THR A 49 -3.01 -10.32 6.83
N LYS A 50 -2.27 -9.24 7.08
CA LYS A 50 -0.80 -9.26 7.11
C LYS A 50 -0.22 -9.82 5.81
N GLN A 51 -0.87 -9.51 4.69
CA GLN A 51 -0.42 -9.98 3.40
C GLN A 51 0.42 -8.92 2.72
N PHE A 52 1.19 -9.33 1.73
CA PHE A 52 2.10 -8.44 1.02
C PHE A 52 1.68 -8.35 -0.44
N GLY A 53 1.07 -7.22 -0.79
CA GLY A 53 0.57 -7.05 -2.14
C GLY A 53 0.92 -5.70 -2.71
N THR A 54 0.99 -5.59 -4.02
CA THR A 54 1.30 -4.32 -4.66
C THR A 54 0.02 -3.67 -5.19
N PHE A 55 0.00 -2.35 -5.25
CA PHE A 55 -1.14 -1.62 -5.80
C PHE A 55 -0.75 -0.16 -6.06
N PRO A 56 -1.58 0.59 -6.82
CA PRO A 56 -1.29 1.98 -7.17
C PRO A 56 -0.99 2.86 -5.95
N GLY A 57 0.06 3.65 -6.06
CA GLY A 57 0.46 4.51 -4.95
C GLY A 57 -0.13 5.89 -5.08
N ASN A 58 -0.85 6.12 -6.17
CA ASN A 58 -1.58 7.38 -6.36
C ASN A 58 -3.04 7.14 -6.04
N TYR A 59 -3.27 6.11 -5.23
CA TYR A 59 -4.60 5.72 -4.84
C TYR A 59 -4.73 5.83 -3.32
N VAL A 60 -3.59 5.92 -2.67
CA VAL A 60 -3.53 5.98 -1.23
C VAL A 60 -2.85 7.28 -0.81
N LYS A 61 -3.22 7.80 0.35
CA LYS A 61 -2.73 9.09 0.78
C LYS A 61 -1.98 9.01 2.10
N PRO A 62 -1.10 9.99 2.34
CA PRO A 62 -0.29 10.08 3.57
C PRO A 62 -1.13 10.04 4.83
N LEU A 63 -0.55 9.48 5.90
CA LEU A 63 -1.20 9.44 7.20
C LEU A 63 -1.44 10.84 7.73
N TYR A 64 -2.68 11.10 8.13
CA TYR A 64 -3.07 12.39 8.65
C TYR A 64 -2.87 12.45 10.16
N GLN A 1 15.95 0.59 7.65
CA GLN A 1 17.10 -0.05 8.32
C GLN A 1 18.17 -0.35 7.29
N THR A 2 19.26 0.42 7.32
CA THR A 2 20.31 0.36 6.30
C THR A 2 19.80 0.98 4.99
N SER A 3 18.72 0.44 4.48
CA SER A 3 18.00 1.05 3.37
C SER A 3 16.88 1.92 3.91
N GLN A 4 16.67 3.07 3.27
CA GLN A 4 15.67 4.03 3.70
C GLN A 4 14.27 3.42 3.68
N ASP A 5 13.62 3.37 4.84
CA ASP A 5 12.23 2.95 4.89
C ASP A 5 11.36 4.09 4.43
N LEU A 6 10.23 3.76 3.88
CA LEU A 6 9.32 4.73 3.33
C LEU A 6 8.20 5.02 4.32
N PHE A 7 7.27 5.85 3.89
CA PHE A 7 6.24 6.36 4.78
C PHE A 7 4.94 5.60 4.61
N SER A 8 4.13 5.62 5.65
CA SER A 8 2.87 4.93 5.66
C SER A 8 1.75 5.85 5.21
N TYR A 9 0.77 5.29 4.52
CA TYR A 9 -0.35 6.07 4.02
C TYR A 9 -1.65 5.40 4.43
N GLN A 10 -2.71 6.18 4.51
CA GLN A 10 -4.02 5.66 4.89
C GLN A 10 -4.92 5.67 3.66
N ALA A 11 -5.53 4.54 3.38
CA ALA A 11 -6.29 4.37 2.17
C ALA A 11 -7.68 4.98 2.28
N LEU A 12 -8.11 5.62 1.22
CA LEU A 12 -9.37 6.37 1.21
C LEU A 12 -10.57 5.43 1.13
N TYR A 13 -10.37 4.31 0.46
CA TYR A 13 -11.45 3.36 0.21
C TYR A 13 -10.90 1.95 0.26
N SER A 14 -11.76 0.97 0.07
CA SER A 14 -11.33 -0.42 -0.02
C SER A 14 -11.02 -0.80 -1.47
N TYR A 15 -9.92 -1.50 -1.67
CA TYR A 15 -9.49 -1.88 -3.00
C TYR A 15 -9.67 -3.39 -3.20
N ILE A 16 -10.23 -3.76 -4.33
CA ILE A 16 -10.34 -5.16 -4.68
C ILE A 16 -9.37 -5.47 -5.82
N PRO A 17 -8.42 -6.36 -5.58
CA PRO A 17 -7.35 -6.69 -6.52
C PRO A 17 -7.87 -7.12 -7.89
N GLN A 18 -7.28 -6.55 -8.94
CA GLN A 18 -7.60 -6.95 -10.31
C GLN A 18 -6.88 -8.26 -10.59
N ASN A 19 -5.73 -8.40 -9.96
CA ASN A 19 -4.97 -9.65 -9.90
C ASN A 19 -4.55 -9.85 -8.46
N ASP A 20 -4.31 -11.10 -8.06
CA ASP A 20 -3.98 -11.38 -6.66
C ASP A 20 -2.58 -10.91 -6.33
N ASP A 21 -1.84 -10.50 -7.37
CA ASP A 21 -0.57 -9.80 -7.18
C ASP A 21 -0.83 -8.50 -6.43
N GLU A 22 -2.01 -7.96 -6.65
CA GLU A 22 -2.44 -6.75 -5.99
C GLU A 22 -3.00 -7.06 -4.61
N LEU A 23 -3.00 -6.05 -3.77
CA LEU A 23 -3.37 -6.21 -2.38
C LEU A 23 -4.85 -5.97 -2.18
N GLU A 24 -5.50 -6.83 -1.42
CA GLU A 24 -6.88 -6.57 -1.04
C GLU A 24 -6.85 -5.54 0.06
N LEU A 25 -7.39 -4.38 -0.23
CA LEU A 25 -7.19 -3.21 0.60
C LEU A 25 -8.52 -2.79 1.23
N ARG A 26 -8.49 -2.46 2.51
CA ARG A 26 -9.69 -2.03 3.20
C ARG A 26 -9.68 -0.52 3.42
N ASP A 27 -10.86 0.07 3.47
CA ASP A 27 -10.99 1.51 3.69
C ASP A 27 -10.30 1.94 4.97
N GLY A 28 -9.55 3.01 4.86
CA GLY A 28 -8.81 3.56 6.00
C GLY A 28 -7.74 2.63 6.52
N ASP A 29 -7.22 1.80 5.63
CA ASP A 29 -6.13 0.89 5.97
C ASP A 29 -4.80 1.58 5.73
N ILE A 30 -3.82 1.33 6.59
CA ILE A 30 -2.52 1.97 6.47
C ILE A 30 -1.54 1.01 5.81
N VAL A 31 -0.97 1.44 4.70
CA VAL A 31 -0.10 0.58 3.91
C VAL A 31 1.33 1.07 3.94
N ASP A 32 2.25 0.11 3.88
CA ASP A 32 3.68 0.40 3.77
C ASP A 32 4.22 -0.22 2.51
N VAL A 33 4.90 0.58 1.70
CA VAL A 33 5.42 0.12 0.43
C VAL A 33 6.68 -0.73 0.60
N MET A 34 6.57 -1.94 0.06
CA MET A 34 7.66 -2.91 0.10
C MET A 34 8.67 -2.64 -1.01
N GLU A 35 8.16 -2.21 -2.16
CA GLU A 35 9.01 -1.84 -3.28
C GLU A 35 8.39 -0.70 -4.06
N LYS A 36 9.23 0.24 -4.46
CA LYS A 36 8.77 1.43 -5.17
C LYS A 36 9.04 1.29 -6.66
N CYS A 37 7.99 1.39 -7.45
CA CYS A 37 8.12 1.30 -8.90
C CYS A 37 7.99 2.68 -9.52
N ASP A 38 8.91 2.99 -10.44
CA ASP A 38 8.92 4.28 -11.13
C ASP A 38 7.69 4.40 -12.03
N ASP A 39 6.99 3.30 -12.19
CA ASP A 39 5.80 3.24 -13.03
C ASP A 39 4.61 3.87 -12.34
N GLY A 40 4.73 4.14 -11.05
CA GLY A 40 3.68 4.83 -10.34
C GLY A 40 3.00 3.99 -9.28
N TRP A 41 3.40 2.73 -9.15
CA TRP A 41 2.77 1.87 -8.17
C TRP A 41 3.82 1.35 -7.20
N PHE A 42 3.40 1.01 -6.00
CA PHE A 42 4.30 0.46 -5.02
C PHE A 42 3.76 -0.88 -4.56
N VAL A 43 4.60 -1.66 -3.91
CA VAL A 43 4.13 -2.87 -3.26
C VAL A 43 3.76 -2.50 -1.86
N GLY A 44 2.89 -3.25 -1.24
CA GLY A 44 2.40 -2.83 0.05
C GLY A 44 1.97 -3.99 0.92
N THR A 45 2.01 -3.78 2.21
CA THR A 45 1.57 -4.78 3.15
C THR A 45 0.31 -4.28 3.88
N SER A 46 -0.74 -5.09 3.89
CA SER A 46 -1.97 -4.74 4.58
C SER A 46 -1.91 -5.18 6.04
N ARG A 47 -2.42 -4.32 6.92
CA ARG A 47 -2.37 -4.56 8.35
C ARG A 47 -3.36 -5.64 8.78
N ARG A 48 -4.22 -6.05 7.84
CA ARG A 48 -5.32 -6.94 8.16
C ARG A 48 -4.82 -8.32 8.56
N THR A 49 -4.01 -8.91 7.73
CA THR A 49 -3.49 -10.24 7.96
C THR A 49 -2.00 -10.31 7.59
N LYS A 50 -1.38 -9.13 7.54
CA LYS A 50 0.04 -9.00 7.19
C LYS A 50 0.31 -9.58 5.80
N GLN A 51 -0.57 -9.29 4.85
CA GLN A 51 -0.42 -9.80 3.50
C GLN A 51 0.25 -8.76 2.61
N PHE A 52 0.87 -9.23 1.55
CA PHE A 52 1.70 -8.37 0.71
C PHE A 52 1.13 -8.27 -0.70
N GLY A 53 0.66 -7.09 -1.04
CA GLY A 53 0.12 -6.85 -2.37
C GLY A 53 0.62 -5.56 -2.96
N THR A 54 0.73 -5.50 -4.28
CA THR A 54 1.17 -4.28 -4.93
C THR A 54 -0.02 -3.52 -5.52
N PHE A 55 0.04 -2.21 -5.48
CA PHE A 55 -1.01 -1.37 -6.06
C PHE A 55 -0.52 0.06 -6.23
N PRO A 56 -1.19 0.85 -7.08
CA PRO A 56 -0.81 2.24 -7.34
C PRO A 56 -0.74 3.08 -6.07
N GLY A 57 0.33 3.85 -5.94
CA GLY A 57 0.51 4.67 -4.76
C GLY A 57 -0.24 5.98 -4.86
N ASN A 58 -0.83 6.22 -6.02
CA ASN A 58 -1.57 7.46 -6.28
C ASN A 58 -3.04 7.26 -5.94
N TYR A 59 -3.30 6.32 -5.05
CA TYR A 59 -4.66 5.96 -4.69
C TYR A 59 -4.83 6.08 -3.17
N VAL A 60 -3.71 6.32 -2.50
CA VAL A 60 -3.68 6.37 -1.05
C VAL A 60 -3.19 7.75 -0.60
N LYS A 61 -3.57 8.16 0.61
CA LYS A 61 -3.20 9.47 1.11
C LYS A 61 -2.42 9.40 2.42
N PRO A 62 -1.62 10.44 2.69
CA PRO A 62 -0.77 10.53 3.90
C PRO A 62 -1.54 10.36 5.20
N LEU A 63 -0.86 9.78 6.19
CA LEU A 63 -1.41 9.59 7.51
C LEU A 63 -1.65 10.91 8.24
N TYR A 64 -2.32 10.82 9.36
CA TYR A 64 -2.54 11.96 10.23
C TYR A 64 -1.22 12.40 10.85
N GLN A 1 13.53 -6.52 9.46
CA GLN A 1 13.30 -6.45 10.92
C GLN A 1 14.09 -5.31 11.53
N THR A 2 13.48 -4.66 12.52
CA THR A 2 14.09 -3.53 13.26
C THR A 2 14.89 -2.60 12.35
N SER A 3 14.28 -2.20 11.24
CA SER A 3 14.90 -1.29 10.31
C SER A 3 14.15 0.04 10.31
N GLN A 4 14.65 1.01 9.57
CA GLN A 4 13.95 2.28 9.44
C GLN A 4 12.69 2.10 8.60
N ASP A 5 11.55 2.37 9.22
CA ASP A 5 10.27 2.22 8.56
C ASP A 5 10.16 3.28 7.47
N LEU A 6 9.43 2.94 6.42
CA LEU A 6 9.25 3.85 5.30
C LEU A 6 8.09 4.79 5.58
N PHE A 7 7.46 5.30 4.55
CA PHE A 7 6.35 6.21 4.72
C PHE A 7 5.06 5.43 4.60
N SER A 8 4.09 5.80 5.40
CA SER A 8 2.86 5.04 5.48
C SER A 8 1.67 5.93 5.15
N TYR A 9 0.69 5.34 4.51
CA TYR A 9 -0.49 6.06 4.05
C TYR A 9 -1.74 5.28 4.43
N GLN A 10 -2.86 5.99 4.55
CA GLN A 10 -4.14 5.37 4.85
C GLN A 10 -5.02 5.44 3.62
N ALA A 11 -5.59 4.33 3.24
CA ALA A 11 -6.30 4.23 1.98
C ALA A 11 -7.70 4.83 2.08
N LEU A 12 -8.08 5.54 1.04
CA LEU A 12 -9.34 6.27 0.99
C LEU A 12 -10.52 5.32 0.80
N TYR A 13 -10.28 4.25 0.07
CA TYR A 13 -11.33 3.32 -0.30
C TYR A 13 -10.78 1.91 -0.32
N SER A 14 -11.66 0.94 -0.18
CA SER A 14 -11.29 -0.46 -0.30
C SER A 14 -11.03 -0.82 -1.76
N TYR A 15 -9.95 -1.55 -1.98
CA TYR A 15 -9.52 -1.95 -3.31
C TYR A 15 -9.45 -3.47 -3.40
N ILE A 16 -10.00 -4.00 -4.46
CA ILE A 16 -10.01 -5.44 -4.68
C ILE A 16 -8.97 -5.79 -5.73
N PRO A 17 -8.08 -6.74 -5.41
CA PRO A 17 -6.96 -7.11 -6.28
C PRO A 17 -7.40 -7.50 -7.69
N GLN A 18 -6.71 -6.95 -8.68
CA GLN A 18 -6.93 -7.33 -10.06
C GLN A 18 -5.93 -8.43 -10.41
N ASN A 19 -4.75 -8.31 -9.82
CA ASN A 19 -3.69 -9.29 -9.97
C ASN A 19 -3.39 -9.88 -8.59
N ASP A 20 -2.92 -11.12 -8.55
CA ASP A 20 -2.65 -11.78 -7.28
C ASP A 20 -1.31 -11.32 -6.71
N ASP A 21 -0.65 -10.41 -7.41
CA ASP A 21 0.52 -9.74 -6.87
C ASP A 21 0.08 -8.52 -6.11
N GLU A 22 -1.17 -8.15 -6.31
CA GLU A 22 -1.75 -6.98 -5.68
C GLU A 22 -2.34 -7.36 -4.34
N LEU A 23 -2.75 -6.36 -3.58
CA LEU A 23 -3.19 -6.55 -2.21
C LEU A 23 -4.68 -6.34 -2.12
N GLU A 24 -5.34 -7.13 -1.27
CA GLU A 24 -6.71 -6.83 -0.95
C GLU A 24 -6.70 -5.69 0.05
N LEU A 25 -7.22 -4.57 -0.35
CA LEU A 25 -7.06 -3.35 0.38
C LEU A 25 -8.42 -2.87 0.87
N ARG A 26 -8.48 -2.43 2.12
CA ARG A 26 -9.73 -1.96 2.67
C ARG A 26 -9.62 -0.48 3.02
N ASP A 27 -10.75 0.21 3.00
CA ASP A 27 -10.76 1.63 3.33
C ASP A 27 -10.23 1.86 4.74
N GLY A 28 -9.37 2.84 4.86
CA GLY A 28 -8.73 3.14 6.13
C GLY A 28 -7.69 2.10 6.52
N ASP A 29 -6.98 1.58 5.54
CA ASP A 29 -5.90 0.64 5.78
C ASP A 29 -4.56 1.33 5.50
N ILE A 30 -3.52 0.94 6.22
CA ILE A 30 -2.24 1.61 6.11
C ILE A 30 -1.30 0.83 5.21
N VAL A 31 -0.62 1.52 4.32
CA VAL A 31 0.29 0.88 3.38
C VAL A 31 1.74 1.21 3.69
N ASP A 32 2.59 0.21 3.53
CA ASP A 32 4.03 0.35 3.72
C ASP A 32 4.72 -0.30 2.53
N VAL A 33 5.49 0.48 1.78
CA VAL A 33 6.00 0.03 0.50
C VAL A 33 7.15 -0.95 0.61
N MET A 34 6.95 -2.11 -0.01
CA MET A 34 7.92 -3.19 -0.05
C MET A 34 8.81 -3.05 -1.27
N GLU A 35 8.23 -2.52 -2.35
CA GLU A 35 8.93 -2.31 -3.60
C GLU A 35 8.25 -1.20 -4.37
N LYS A 36 9.04 -0.38 -5.04
CA LYS A 36 8.53 0.77 -5.74
C LYS A 36 8.65 0.62 -7.26
N CYS A 37 7.54 0.82 -7.95
CA CYS A 37 7.54 0.90 -9.41
C CYS A 37 7.74 2.35 -9.82
N ASP A 38 8.44 2.54 -10.93
CA ASP A 38 8.93 3.84 -11.35
C ASP A 38 7.81 4.85 -11.58
N ASP A 39 6.62 4.35 -11.88
CA ASP A 39 5.48 5.21 -12.15
C ASP A 39 4.91 5.78 -10.85
N GLY A 40 5.14 5.10 -9.74
CA GLY A 40 4.60 5.53 -8.47
C GLY A 40 3.70 4.49 -7.85
N TRP A 41 3.76 3.27 -8.36
CA TRP A 41 3.02 2.16 -7.80
C TRP A 41 3.91 1.40 -6.84
N PHE A 42 3.53 1.28 -5.59
CA PHE A 42 4.37 0.58 -4.64
C PHE A 42 3.69 -0.68 -4.14
N VAL A 43 4.48 -1.60 -3.63
CA VAL A 43 3.95 -2.78 -2.98
C VAL A 43 3.78 -2.45 -1.53
N GLY A 44 2.90 -3.14 -0.85
CA GLY A 44 2.56 -2.75 0.49
C GLY A 44 2.03 -3.90 1.29
N THR A 45 2.17 -3.81 2.60
CA THR A 45 1.67 -4.86 3.46
C THR A 45 0.43 -4.36 4.21
N SER A 46 -0.65 -5.12 4.12
CA SER A 46 -1.90 -4.73 4.75
C SER A 46 -1.87 -5.02 6.25
N ARG A 47 -2.32 -4.04 7.03
CA ARG A 47 -2.40 -4.16 8.47
C ARG A 47 -3.43 -5.20 8.90
N ARG A 48 -4.21 -5.68 7.94
CA ARG A 48 -5.27 -6.63 8.21
C ARG A 48 -4.72 -8.03 8.40
N THR A 49 -4.48 -8.71 7.28
CA THR A 49 -4.07 -10.11 7.29
C THR A 49 -2.56 -10.26 7.21
N LYS A 50 -1.85 -9.13 7.34
CA LYS A 50 -0.39 -9.11 7.32
C LYS A 50 0.20 -9.69 6.04
N GLN A 51 -0.54 -9.57 4.94
CA GLN A 51 -0.04 -9.97 3.64
C GLN A 51 0.45 -8.76 2.88
N PHE A 52 1.26 -9.00 1.87
CA PHE A 52 1.87 -7.92 1.12
C PHE A 52 1.42 -7.95 -0.34
N GLY A 53 0.83 -6.86 -0.77
CA GLY A 53 0.37 -6.72 -2.12
C GLY A 53 0.69 -5.36 -2.68
N THR A 54 0.78 -5.23 -4.00
CA THR A 54 1.09 -3.95 -4.59
C THR A 54 -0.18 -3.27 -5.13
N PHE A 55 -0.22 -1.95 -5.01
CA PHE A 55 -1.33 -1.17 -5.54
C PHE A 55 -0.91 0.29 -5.72
N PRO A 56 -1.68 1.10 -6.47
CA PRO A 56 -1.33 2.49 -6.76
C PRO A 56 -1.11 3.33 -5.50
N GLY A 57 -0.02 4.10 -5.50
CA GLY A 57 0.25 4.99 -4.39
C GLY A 57 -0.45 6.33 -4.53
N ASN A 58 -1.09 6.55 -5.66
CA ASN A 58 -1.83 7.78 -5.92
C ASN A 58 -3.29 7.62 -5.51
N TYR A 59 -3.57 6.53 -4.82
CA TYR A 59 -4.92 6.13 -4.50
C TYR A 59 -5.08 6.11 -2.98
N VAL A 60 -3.99 6.46 -2.31
CA VAL A 60 -3.93 6.43 -0.86
C VAL A 60 -3.54 7.82 -0.33
N LYS A 61 -3.89 8.13 0.92
CA LYS A 61 -3.57 9.44 1.47
C LYS A 61 -2.68 9.31 2.70
N PRO A 62 -1.89 10.35 3.00
CA PRO A 62 -1.00 10.38 4.18
C PRO A 62 -1.73 10.13 5.49
N LEU A 63 -1.03 9.48 6.42
CA LEU A 63 -1.56 9.24 7.75
C LEU A 63 -1.77 10.54 8.51
N TYR A 64 -2.74 10.54 9.39
CA TYR A 64 -3.07 11.72 10.17
C TYR A 64 -2.29 11.73 11.47
N GLN A 1 25.68 9.90 4.02
CA GLN A 1 24.67 9.72 5.09
C GLN A 1 23.36 9.19 4.52
N THR A 2 23.13 7.89 4.68
CA THR A 2 21.87 7.29 4.28
C THR A 2 20.75 7.78 5.20
N SER A 3 19.92 8.67 4.70
CA SER A 3 18.91 9.31 5.52
C SER A 3 17.51 9.09 4.95
N GLN A 4 16.50 9.40 5.77
CA GLN A 4 15.09 9.28 5.39
C GLN A 4 14.63 7.84 5.31
N ASP A 5 13.50 7.58 5.95
CA ASP A 5 12.85 6.28 5.88
C ASP A 5 11.73 6.34 4.85
N LEU A 6 10.95 5.28 4.74
CA LEU A 6 9.80 5.27 3.85
C LEU A 6 8.64 5.98 4.52
N PHE A 7 7.48 5.94 3.87
CA PHE A 7 6.30 6.59 4.38
C PHE A 7 5.15 5.60 4.43
N SER A 8 4.17 5.92 5.23
CA SER A 8 2.98 5.11 5.34
C SER A 8 1.75 5.95 5.01
N TYR A 9 0.78 5.34 4.37
CA TYR A 9 -0.41 6.05 3.93
C TYR A 9 -1.65 5.33 4.45
N GLN A 10 -2.74 6.07 4.58
CA GLN A 10 -4.02 5.49 4.97
C GLN A 10 -4.95 5.54 3.77
N ALA A 11 -5.55 4.40 3.46
CA ALA A 11 -6.33 4.27 2.25
C ALA A 11 -7.71 4.86 2.40
N LEU A 12 -8.14 5.55 1.35
CA LEU A 12 -9.41 6.25 1.34
C LEU A 12 -10.57 5.28 1.32
N TYR A 13 -10.38 4.19 0.58
CA TYR A 13 -11.40 3.18 0.38
C TYR A 13 -10.75 1.81 0.26
N SER A 14 -11.56 0.79 0.07
CA SER A 14 -11.05 -0.56 -0.02
C SER A 14 -10.85 -1.00 -1.47
N TYR A 15 -9.71 -1.64 -1.73
CA TYR A 15 -9.34 -2.08 -3.07
C TYR A 15 -9.37 -3.60 -3.15
N ILE A 16 -9.90 -4.11 -4.23
CA ILE A 16 -9.90 -5.55 -4.47
C ILE A 16 -8.86 -5.88 -5.53
N PRO A 17 -7.93 -6.79 -5.21
CA PRO A 17 -6.82 -7.16 -6.11
C PRO A 17 -7.30 -7.70 -7.45
N GLN A 18 -6.69 -7.21 -8.53
CA GLN A 18 -6.93 -7.74 -9.86
C GLN A 18 -6.08 -8.99 -10.04
N ASN A 19 -4.81 -8.87 -9.66
CA ASN A 19 -3.85 -9.95 -9.74
C ASN A 19 -3.44 -10.38 -8.34
N ASP A 20 -2.78 -11.53 -8.25
CA ASP A 20 -2.32 -12.07 -6.97
C ASP A 20 -1.14 -11.28 -6.45
N ASP A 21 -0.53 -10.48 -7.32
CA ASP A 21 0.57 -9.61 -6.93
C ASP A 21 0.04 -8.44 -6.12
N GLU A 22 -1.24 -8.15 -6.32
CA GLU A 22 -1.88 -7.02 -5.67
C GLU A 22 -2.34 -7.40 -4.28
N LEU A 23 -2.61 -6.38 -3.49
CA LEU A 23 -2.98 -6.54 -2.11
C LEU A 23 -4.46 -6.29 -1.93
N GLU A 24 -5.09 -7.05 -1.05
CA GLU A 24 -6.47 -6.77 -0.71
C GLU A 24 -6.46 -5.58 0.24
N LEU A 25 -7.02 -4.49 -0.23
CA LEU A 25 -6.92 -3.22 0.47
C LEU A 25 -8.27 -2.89 1.08
N ARG A 26 -8.27 -2.42 2.30
CA ARG A 26 -9.52 -2.08 2.95
C ARG A 26 -9.58 -0.60 3.29
N ASP A 27 -10.79 -0.06 3.38
CA ASP A 27 -10.97 1.35 3.71
C ASP A 27 -10.23 1.70 5.00
N GLY A 28 -9.49 2.79 4.97
CA GLY A 28 -8.72 3.22 6.12
C GLY A 28 -7.66 2.21 6.54
N ASP A 29 -7.02 1.58 5.56
CA ASP A 29 -5.92 0.67 5.83
C ASP A 29 -4.60 1.37 5.54
N ILE A 30 -3.56 1.02 6.27
CA ILE A 30 -2.28 1.70 6.12
C ILE A 30 -1.35 0.89 5.24
N VAL A 31 -0.71 1.54 4.30
CA VAL A 31 0.20 0.87 3.39
C VAL A 31 1.64 1.26 3.67
N ASP A 32 2.51 0.27 3.64
CA ASP A 32 3.94 0.45 3.79
C ASP A 32 4.62 -0.18 2.60
N VAL A 33 5.29 0.63 1.79
CA VAL A 33 5.79 0.16 0.51
C VAL A 33 7.03 -0.71 0.65
N MET A 34 6.91 -1.92 0.10
CA MET A 34 7.97 -2.91 0.14
C MET A 34 8.91 -2.74 -1.05
N GLU A 35 8.34 -2.29 -2.16
CA GLU A 35 9.06 -2.15 -3.42
C GLU A 35 8.43 -1.04 -4.23
N LYS A 36 9.25 -0.26 -4.92
CA LYS A 36 8.74 0.87 -5.69
C LYS A 36 8.82 0.61 -7.19
N CYS A 37 7.73 0.87 -7.88
CA CYS A 37 7.74 0.97 -9.32
C CYS A 37 7.80 2.45 -9.67
N ASP A 38 8.79 2.82 -10.49
CA ASP A 38 9.08 4.23 -10.78
C ASP A 38 7.89 4.90 -11.49
N ASP A 39 7.00 4.09 -12.03
CA ASP A 39 5.84 4.61 -12.75
C ASP A 39 4.72 5.03 -11.80
N GLY A 40 4.80 4.63 -10.54
CA GLY A 40 3.82 5.10 -9.56
C GLY A 40 3.31 4.03 -8.63
N TRP A 41 3.43 2.76 -9.03
CA TRP A 41 2.96 1.66 -8.20
C TRP A 41 3.96 1.34 -7.10
N PHE A 42 3.50 1.12 -5.89
CA PHE A 42 4.36 0.58 -4.85
C PHE A 42 3.74 -0.70 -4.31
N VAL A 43 4.55 -1.53 -3.69
CA VAL A 43 4.06 -2.71 -3.01
C VAL A 43 3.79 -2.32 -1.58
N GLY A 44 3.05 -3.11 -0.86
CA GLY A 44 2.65 -2.71 0.46
C GLY A 44 2.18 -3.87 1.31
N THR A 45 2.28 -3.73 2.60
CA THR A 45 1.77 -4.74 3.50
C THR A 45 0.53 -4.21 4.23
N SER A 46 -0.55 -4.98 4.18
CA SER A 46 -1.82 -4.57 4.78
C SER A 46 -1.83 -4.80 6.28
N ARG A 47 -2.39 -3.84 7.01
CA ARG A 47 -2.54 -3.95 8.46
C ARG A 47 -3.63 -4.94 8.84
N ARG A 48 -4.42 -5.36 7.87
CA ARG A 48 -5.51 -6.29 8.12
C ARG A 48 -5.13 -7.71 7.73
N THR A 49 -4.98 -7.94 6.44
CA THR A 49 -4.80 -9.29 5.92
C THR A 49 -3.36 -9.80 6.16
N LYS A 50 -2.49 -8.91 6.65
CA LYS A 50 -1.10 -9.25 6.97
C LYS A 50 -0.36 -9.86 5.79
N GLN A 51 -0.77 -9.45 4.59
CA GLN A 51 -0.15 -9.94 3.37
C GLN A 51 0.57 -8.81 2.66
N PHE A 52 1.38 -9.18 1.68
CA PHE A 52 2.25 -8.23 1.01
C PHE A 52 1.84 -8.10 -0.45
N GLY A 53 1.15 -7.02 -0.76
CA GLY A 53 0.63 -6.83 -2.10
C GLY A 53 0.90 -5.45 -2.64
N THR A 54 0.98 -5.34 -3.95
CA THR A 54 1.25 -4.06 -4.57
C THR A 54 -0.02 -3.44 -5.12
N PHE A 55 -0.10 -2.12 -5.07
CA PHE A 55 -1.21 -1.38 -5.63
C PHE A 55 -0.82 0.07 -5.86
N PRO A 56 -1.60 0.83 -6.66
CA PRO A 56 -1.27 2.23 -6.97
C PRO A 56 -1.05 3.08 -5.72
N GLY A 57 0.02 3.85 -5.71
CA GLY A 57 0.33 4.69 -4.56
C GLY A 57 -0.21 6.09 -4.71
N ASN A 58 -1.22 6.25 -5.55
CA ASN A 58 -1.88 7.54 -5.72
C ASN A 58 -3.38 7.36 -5.53
N TYR A 59 -3.73 6.29 -4.83
CA TYR A 59 -5.11 5.97 -4.51
C TYR A 59 -5.26 6.03 -2.98
N VAL A 60 -4.12 6.25 -2.34
CA VAL A 60 -4.04 6.27 -0.89
C VAL A 60 -3.51 7.63 -0.44
N LYS A 61 -3.81 8.04 0.80
CA LYS A 61 -3.41 9.35 1.27
C LYS A 61 -2.49 9.24 2.49
N PRO A 62 -1.63 10.25 2.70
CA PRO A 62 -0.69 10.30 3.82
C PRO A 62 -1.37 10.17 5.18
N LEU A 63 -0.66 9.58 6.14
CA LEU A 63 -1.15 9.45 7.50
C LEU A 63 -1.25 10.80 8.20
N TYR A 64 -2.18 10.88 9.13
CA TYR A 64 -2.38 12.08 9.92
C TYR A 64 -1.26 12.23 10.93
N GLN A 1 15.31 8.95 19.46
CA GLN A 1 15.99 8.71 18.17
C GLN A 1 15.85 9.93 17.26
N THR A 2 16.85 10.14 16.42
CA THR A 2 16.81 11.21 15.44
C THR A 2 16.47 10.64 14.06
N SER A 3 16.45 9.32 13.99
CA SER A 3 16.10 8.62 12.76
C SER A 3 14.60 8.36 12.70
N GLN A 4 14.11 8.05 11.52
CA GLN A 4 12.69 7.74 11.34
C GLN A 4 12.56 6.46 10.52
N ASP A 5 11.45 5.77 10.72
CA ASP A 5 11.15 4.56 9.97
C ASP A 5 10.50 4.94 8.64
N LEU A 6 9.85 3.99 8.00
CA LEU A 6 9.18 4.24 6.75
C LEU A 6 7.94 5.10 6.95
N PHE A 7 7.32 5.46 5.85
CA PHE A 7 6.14 6.29 5.89
C PHE A 7 4.92 5.50 5.47
N SER A 8 3.85 5.73 6.17
CA SER A 8 2.63 4.96 6.01
C SER A 8 1.51 5.83 5.49
N TYR A 9 0.63 5.23 4.70
CA TYR A 9 -0.49 5.96 4.14
C TYR A 9 -1.79 5.26 4.52
N GLN A 10 -2.87 6.02 4.56
CA GLN A 10 -4.19 5.47 4.85
C GLN A 10 -5.04 5.50 3.58
N ALA A 11 -5.64 4.37 3.24
CA ALA A 11 -6.38 4.25 2.00
C ALA A 11 -7.76 4.86 2.14
N LEU A 12 -8.14 5.58 1.10
CA LEU A 12 -9.38 6.36 1.07
C LEU A 12 -10.61 5.49 1.21
N TYR A 13 -10.58 4.35 0.54
CA TYR A 13 -11.71 3.43 0.53
C TYR A 13 -11.21 2.02 0.33
N SER A 14 -12.11 1.06 0.30
CA SER A 14 -11.72 -0.33 0.15
C SER A 14 -11.52 -0.66 -1.34
N TYR A 15 -10.47 -1.41 -1.62
CA TYR A 15 -10.12 -1.76 -2.98
C TYR A 15 -9.99 -3.26 -3.13
N ILE A 16 -10.52 -3.77 -4.23
CA ILE A 16 -10.49 -5.19 -4.50
C ILE A 16 -9.51 -5.48 -5.62
N PRO A 17 -8.60 -6.45 -5.41
CA PRO A 17 -7.54 -6.78 -6.37
C PRO A 17 -8.07 -7.11 -7.74
N GLN A 18 -7.47 -6.52 -8.75
CA GLN A 18 -7.79 -6.81 -10.13
C GLN A 18 -6.95 -7.97 -10.60
N ASN A 19 -5.72 -7.99 -10.11
CA ASN A 19 -4.78 -9.07 -10.37
C ASN A 19 -4.40 -9.73 -9.05
N ASP A 20 -3.88 -10.94 -9.12
CA ASP A 20 -3.58 -11.72 -7.91
C ASP A 20 -2.34 -11.19 -7.20
N ASP A 21 -1.60 -10.34 -7.88
CA ASP A 21 -0.41 -9.73 -7.30
C ASP A 21 -0.78 -8.48 -6.52
N GLU A 22 -2.00 -8.00 -6.72
CA GLU A 22 -2.47 -6.81 -6.05
C GLU A 22 -2.99 -7.14 -4.65
N LEU A 23 -3.19 -6.11 -3.87
CA LEU A 23 -3.54 -6.26 -2.47
C LEU A 23 -5.03 -6.10 -2.27
N GLU A 24 -5.63 -6.96 -1.47
CA GLU A 24 -7.01 -6.74 -1.07
C GLU A 24 -7.00 -5.69 0.01
N LEU A 25 -7.59 -4.55 -0.31
CA LEU A 25 -7.39 -3.35 0.46
C LEU A 25 -8.71 -2.93 1.10
N ARG A 26 -8.65 -2.55 2.36
CA ARG A 26 -9.85 -2.14 3.07
C ARG A 26 -9.81 -0.65 3.35
N ASP A 27 -10.99 -0.06 3.47
CA ASP A 27 -11.10 1.38 3.75
C ASP A 27 -10.44 1.73 5.08
N GLY A 28 -9.61 2.77 5.03
CA GLY A 28 -8.87 3.20 6.21
C GLY A 28 -7.80 2.21 6.61
N ASP A 29 -7.26 1.51 5.63
CA ASP A 29 -6.15 0.59 5.86
C ASP A 29 -4.83 1.33 5.65
N ILE A 30 -3.83 0.98 6.44
CA ILE A 30 -2.54 1.65 6.35
C ILE A 30 -1.59 0.80 5.53
N VAL A 31 -0.95 1.43 4.55
CA VAL A 31 -0.06 0.72 3.65
C VAL A 31 1.37 1.25 3.72
N ASP A 32 2.31 0.33 3.60
CA ASP A 32 3.72 0.66 3.52
C ASP A 32 4.28 0.07 2.23
N VAL A 33 5.03 0.86 1.49
CA VAL A 33 5.60 0.39 0.25
C VAL A 33 6.81 -0.50 0.50
N MET A 34 6.67 -1.73 0.01
CA MET A 34 7.68 -2.75 0.13
C MET A 34 8.72 -2.58 -0.97
N GLU A 35 8.23 -2.33 -2.17
CA GLU A 35 9.09 -2.12 -3.31
C GLU A 35 8.52 -1.02 -4.17
N LYS A 36 9.39 -0.26 -4.81
CA LYS A 36 8.98 0.88 -5.60
C LYS A 36 9.13 0.61 -7.09
N CYS A 37 8.07 0.84 -7.85
CA CYS A 37 8.19 0.90 -9.29
C CYS A 37 8.73 2.26 -9.65
N ASP A 38 9.53 2.30 -10.71
CA ASP A 38 10.29 3.51 -11.07
C ASP A 38 9.38 4.69 -11.36
N ASP A 39 8.11 4.43 -11.65
CA ASP A 39 7.15 5.50 -11.87
C ASP A 39 5.70 4.98 -11.77
N GLY A 40 5.20 4.81 -10.55
CA GLY A 40 3.79 4.54 -10.40
C GLY A 40 3.45 3.70 -9.18
N TRP A 41 3.52 2.39 -9.34
CA TRP A 41 3.04 1.46 -8.33
C TRP A 41 4.10 1.20 -7.26
N PHE A 42 3.63 0.98 -6.04
CA PHE A 42 4.49 0.48 -4.99
C PHE A 42 3.87 -0.79 -4.45
N VAL A 43 4.64 -1.58 -3.75
CA VAL A 43 4.11 -2.77 -3.11
C VAL A 43 3.67 -2.38 -1.72
N GLY A 44 2.72 -3.09 -1.18
CA GLY A 44 2.09 -2.67 0.05
C GLY A 44 1.72 -3.82 0.94
N THR A 45 1.63 -3.55 2.24
CA THR A 45 1.26 -4.58 3.18
C THR A 45 0.03 -4.14 4.00
N SER A 46 -1.01 -4.97 4.02
CA SER A 46 -2.22 -4.69 4.77
C SER A 46 -2.12 -5.08 6.25
N ARG A 47 -2.67 -4.21 7.10
CA ARG A 47 -2.71 -4.40 8.55
C ARG A 47 -3.50 -5.63 8.98
N ARG A 48 -4.34 -6.13 8.08
CA ARG A 48 -5.25 -7.22 8.40
C ARG A 48 -4.52 -8.51 8.80
N THR A 49 -3.53 -8.90 8.02
CA THR A 49 -2.86 -10.17 8.23
C THR A 49 -1.42 -10.13 7.72
N LYS A 50 -0.88 -8.92 7.58
CA LYS A 50 0.45 -8.72 7.02
C LYS A 50 0.58 -9.35 5.63
N GLN A 51 -0.51 -9.32 4.87
CA GLN A 51 -0.45 -9.79 3.49
C GLN A 51 0.12 -8.69 2.63
N PHE A 52 0.74 -9.08 1.55
CA PHE A 52 1.49 -8.14 0.74
C PHE A 52 0.93 -8.08 -0.67
N GLY A 53 0.48 -6.90 -1.05
CA GLY A 53 -0.01 -6.68 -2.39
C GLY A 53 0.48 -5.39 -2.97
N THR A 54 0.62 -5.31 -4.27
CA THR A 54 1.10 -4.10 -4.91
C THR A 54 -0.04 -3.32 -5.53
N PHE A 55 0.05 -2.00 -5.47
CA PHE A 55 -0.95 -1.12 -6.08
C PHE A 55 -0.40 0.30 -6.19
N PRO A 56 -1.04 1.16 -6.99
CA PRO A 56 -0.58 2.55 -7.21
C PRO A 56 -0.48 3.34 -5.91
N GLY A 57 0.62 4.06 -5.73
CA GLY A 57 0.80 4.86 -4.54
C GLY A 57 0.13 6.22 -4.67
N ASN A 58 -0.43 6.47 -5.83
CA ASN A 58 -1.13 7.72 -6.09
C ASN A 58 -2.62 7.55 -5.79
N TYR A 59 -2.93 6.49 -5.06
CA TYR A 59 -4.31 6.12 -4.77
C TYR A 59 -4.57 6.24 -3.28
N VAL A 60 -3.51 6.37 -2.51
CA VAL A 60 -3.59 6.37 -1.07
C VAL A 60 -3.08 7.70 -0.52
N LYS A 61 -3.56 8.11 0.64
CA LYS A 61 -3.21 9.42 1.17
C LYS A 61 -2.46 9.30 2.49
N PRO A 62 -1.69 10.33 2.84
CA PRO A 62 -0.93 10.39 4.09
C PRO A 62 -1.81 10.19 5.33
N LEU A 63 -1.22 9.60 6.36
CA LEU A 63 -1.91 9.35 7.61
C LEU A 63 -2.34 10.66 8.27
N TYR A 64 -3.53 10.63 8.85
CA TYR A 64 -4.09 11.77 9.55
C TYR A 64 -3.29 12.08 10.81
#